data_8KBX
#
_entry.id   8KBX
#
loop_
_entity.id
_entity.type
_entity.pdbx_description
1 polymer 'WD repeat domain phosphoinositide-interacting protein 4'
2 polymer 'Autophagy-related protein 2 homolog A'
#
loop_
_entity_poly.entity_id
_entity_poly.type
_entity_poly.pdbx_seq_one_letter_code
_entity_poly.pdbx_strand_id
1 'polypeptide(L)'
;MTQQPLRGVTSLRFNQDQSCFCCAMETGVRIYNVEPLMEKGHLDHEQVGSMGLVEMLHRSNLLALVGGGSSPKFSEISVL
IWDDAREGKDSKEKLVLEFTFTKPVLSVRMRHDKIVIVLKNRIYVYSFPDNPRKLFEFDTRDNPKGLCDLCPSLEKQLLV
FPGHKCGSLQLVDLASTKPGTSSAPFTINAHQSDIACVSLNQPGTVVASASQKGTLIRLFDTQSKEKLVELRRGTDPATL
YCINFSHDSSFLCASSDKGTVHIFALKDTRLNRRSALARVGKVGPMIGQYVDSQWSLASFTVPAESACICAFGRNTSKNV
NSVIAICVDGTFHKYVFTPDGNCNREAFDVYLDICDDDDF
;
A
2 'polypeptide(L)'
;MSRWLWPWSNCVKERVCRYLLHHYLGHFFQEHLSLDQLSLDLYKGSVALRDIHLEIWSVNEVLESMESPLELVEGFVGSI
EVAVPWAALLTDHCTVRVSGLQLTLQPRRGPAPGAADSQSWASCMTTSLQLAQECLRDGLPEPSEPPQPLEGLEMFAQTI
ETVLRRIKVTFLDTVVRVEHSPGDGERGVAVEVRVQRLEYCDEAVRDPSQAPPVDVHQPPAFLHKLLQLAGVRLHYEELP
AQEEPPEPPLQIGSCSGYMELMVKLKQNEAFPGPKLEVAGQLGSLHLLLTPRQLQQLQELLSAVSLTDHEGLADKLNKSR
PLGAEDLWLIEQDLNQQLQAGAVAEPLSPDPLTNPLLNLDNTDLFFSMAGLTSSVASALSELSLSDVDLASSVRSDMASR
RLSAQAHPAGKMAPNPLLDTMRPDSLLKMTLGGVTLTLLQTSAPSSGPPDLATHFFTEFDATKDGPFGSRDFHHLRPRFQ
RACPCSHVRLTGTAVQLSWELRTGSRGRRTTSMEVHFGQLEVLECLWPRGTSEPEYTEILTFPGTLGSQASARPCAHLRH
TQILRRVPKSRPRRSVACHCHSELALDLANFQADVELGALDRLAALLRLATVPAEPPAGLLTEPLPAMEQQTVFRLSAPR
ATLRLRFPIADLRPEPDPWAGQAVRAEQLRLELSEPQFRSELSSGPGPPVPTHLELTCSDLHGIYEDGGKPPVPCLRVSK
ALDPKSTGRKYFLPQVVVTVNPQSSSTQWEVAPEKGEELELSVESPCELREPEPSPFSSKRTMYETEEMVIPGDPEEMRT
FQSRTLALSRCSLEVILPSVHIFLPSKEVYESIYNRINNDLLMWEPADLLPTPDPAAQPSGFPGPSGFWHDSFKMCKSAF
KLANCFDLTPDSDSDDEDAHFFSVGASGGPQAAAPEAPSLHLQSTFSTLVTVLKGRITALCETKDEGGKRLEAVHGELVL
DMEHGTLFSVSQYCGQPGLGYFCLEAEKATLYHRAAVDDYPLPSHLDLPSFAPPAQLAPTIYPSEEGVTERGASGRKGQG
RGPHMLSTAVRIHLDPHKNVKEFLVTLRLHKATLRHYMALPEQSWHSQLLEFLDVLDDPVLGYLPPTVITILHTHLFSCS
VDYRPLYLPVRVLITAETFTLSSNIIMDTSTFLLRFILDDSALYLSDKCEVETLDLRRDYVCVLDVDLLELVIKTWKGST
EGKLSQPLFELRCSNNVVHVHSCADSCALLVNLLQYVMSTGDLHPPPRPPSPTEIAGQKLSESPASLPSCPPVETALINQ
RDLADALLDTERSLRELAQPSGGHLPQASPISVYLFPGERSGAPPPSPPVGGPAGSLGSCSEEKEDEREEEGDGDTLDSD
EFCILDAPGLGIPPRDGEPVVTQLHPGPIVVRDGYFSRPIGSTDLLRAPAHFPVPSTRVVLREVSLVWHLYGGRDFGPHP
GHRARTGLSGPRSSPSRCSGPNRPQNSWRTQGGSGRQHHVLMEIQLSKVSFQHEVYPAEPATGPAAPSQELEERPLSRQV
FIVQELEVRDRLASSQINKFLYLHTSERMPRRAHSNMLTIKALHVAPTTNLGGPECCLRVSLMPLRLNVDQDALFFLKDF
FTSLVAGINPVVPGETSAEARPETRAQPSSPLEGQAEGVETTGSQEAPGGGHSPSPPDQQPIYFREFRFTSEVPIWLDYH
GKHVTMDQVGTFAGLLIGLAQLNCSELKLKRLCCRHGLLGVDKVLGYALNEWLQDIRKNQLPGLLGGVGPMHSVVQLFQG
FRDLLWLPIEQYRKDGRLMRGLQRGAASFGSSTASAALELSNRLVQAIQATAETVYDILSPAAPVSRSLQDKRSARRLRR
GQQPADLREGVAKAYDTVREGILDTAQTICDVASRGHEQKGLTGAVGGVIRQLPPTVVKPLILATEATSSLLGGMRNQIV
PDAHKDHALKWRSDSAQD
;
B
#
# COMPACT_ATOMS: atom_id res chain seq x y z
N MET A 1 -11.08 -51.50 19.71
CA MET A 1 -11.17 -51.16 18.28
C MET A 1 -12.60 -50.72 18.05
N THR A 2 -12.85 -49.41 17.91
CA THR A 2 -14.14 -48.93 17.41
C THR A 2 -14.22 -49.40 15.95
N GLN A 3 -15.13 -50.32 15.64
CA GLN A 3 -15.39 -50.67 14.24
C GLN A 3 -15.72 -49.36 13.53
N GLN A 4 -15.01 -49.05 12.44
CA GLN A 4 -15.43 -47.94 11.59
C GLN A 4 -16.88 -48.18 11.18
N PRO A 5 -17.75 -47.16 11.28
CA PRO A 5 -19.16 -47.33 10.95
C PRO A 5 -19.29 -47.80 9.50
N LEU A 6 -19.87 -48.98 9.31
CA LEU A 6 -20.20 -49.50 7.99
C LEU A 6 -21.06 -48.47 7.26
N ARG A 7 -20.63 -48.06 6.06
CA ARG A 7 -21.25 -47.00 5.25
C ARG A 7 -21.50 -45.68 6.01
N GLY A 8 -20.77 -45.42 7.08
CA GLY A 8 -20.92 -44.20 7.88
C GLY A 8 -22.11 -44.19 8.83
N VAL A 9 -22.87 -45.28 9.01
CA VAL A 9 -23.99 -45.31 9.97
C VAL A 9 -23.48 -45.47 11.41
N THR A 10 -23.78 -44.51 12.28
CA THR A 10 -23.32 -44.49 13.68
C THR A 10 -24.39 -45.00 14.65
N SER A 11 -25.67 -44.72 14.38
CA SER A 11 -26.79 -45.30 15.14
C SER A 11 -28.08 -45.37 14.32
N LEU A 12 -28.92 -46.34 14.68
CA LEU A 12 -30.23 -46.58 14.09
C LEU A 12 -31.29 -46.64 15.19
N ARG A 13 -32.42 -45.96 15.00
CA ARG A 13 -33.56 -46.02 15.92
C ARG A 13 -34.90 -45.97 15.22
N PHE A 14 -35.78 -46.89 15.58
CA PHE A 14 -37.21 -46.74 15.33
C PHE A 14 -37.79 -45.63 16.21
N ASN A 15 -38.77 -44.91 15.70
CA ASN A 15 -39.62 -44.07 16.53
C ASN A 15 -40.54 -44.94 17.42
N GLN A 16 -41.29 -44.30 18.31
CA GLN A 16 -42.02 -44.92 19.42
C GLN A 16 -43.08 -45.94 18.95
N ASP A 17 -43.67 -45.73 17.78
CA ASP A 17 -44.66 -46.62 17.17
C ASP A 17 -44.08 -47.46 16.03
N GLN A 18 -42.74 -47.53 15.91
CA GLN A 18 -42.00 -48.33 14.93
C GLN A 18 -42.32 -48.05 13.46
N SER A 19 -43.04 -46.96 13.18
CA SER A 19 -43.53 -46.66 11.84
C SER A 19 -42.52 -45.84 11.02
N CYS A 20 -41.58 -45.18 11.69
CA CYS A 20 -40.42 -44.53 11.09
C CYS A 20 -39.13 -45.04 11.74
N PHE A 21 -38.01 -44.88 11.05
CA PHE A 21 -36.70 -44.98 11.68
C PHE A 21 -35.81 -43.80 11.30
N CYS A 22 -34.89 -43.48 12.19
CA CYS A 22 -33.89 -42.43 12.03
C CYS A 22 -32.50 -43.07 12.06
N CYS A 23 -31.60 -42.49 11.27
CA CYS A 23 -30.25 -42.96 11.02
C CYS A 23 -29.29 -41.80 11.27
N ALA A 24 -28.50 -41.86 12.35
CA ALA A 24 -27.39 -40.94 12.54
C ALA A 24 -26.17 -41.48 11.79
N MET A 25 -25.42 -40.58 11.16
CA MET A 25 -24.36 -40.93 10.23
C MET A 25 -23.17 -39.97 10.33
N GLU A 26 -22.05 -40.40 9.76
CA GLU A 26 -20.87 -39.55 9.51
C GLU A 26 -21.19 -38.35 8.61
N THR A 27 -22.25 -38.44 7.81
CA THR A 27 -22.70 -37.41 6.86
C THR A 27 -23.96 -36.67 7.31
N GLY A 28 -24.37 -36.82 8.57
CA GLY A 28 -25.56 -36.14 9.12
C GLY A 28 -26.64 -37.09 9.63
N VAL A 29 -27.90 -36.83 9.31
CA VAL A 29 -29.07 -37.59 9.76
C VAL A 29 -29.99 -37.90 8.58
N ARG A 30 -30.56 -39.10 8.54
CA ARG A 30 -31.65 -39.44 7.62
C ARG A 30 -32.86 -40.02 8.34
N ILE A 31 -34.05 -39.73 7.84
CA ILE A 31 -35.33 -40.16 8.43
C ILE A 31 -36.13 -40.90 7.37
N TYR A 32 -36.59 -42.09 7.71
CA TYR A 32 -37.29 -42.98 6.80
C TYR A 32 -38.65 -43.38 7.35
N ASN A 33 -39.65 -43.39 6.47
CA ASN A 33 -40.87 -44.15 6.67
C ASN A 33 -40.56 -45.64 6.47
N VAL A 34 -41.11 -46.51 7.32
CA VAL A 34 -40.84 -47.97 7.26
C VAL A 34 -41.69 -48.67 6.20
N GLU A 35 -42.97 -48.30 6.09
CA GLU A 35 -43.93 -48.94 5.17
C GLU A 35 -44.86 -47.89 4.53
N PRO A 36 -44.72 -47.63 3.21
CA PRO A 36 -43.63 -48.10 2.32
C PRO A 36 -42.26 -47.53 2.75
N LEU A 37 -41.18 -48.24 2.45
CA LEU A 37 -39.85 -47.70 2.69
C LEU A 37 -39.65 -46.44 1.81
N MET A 38 -39.40 -45.29 2.43
CA MET A 38 -39.27 -44.01 1.75
C MET A 38 -38.53 -43.02 2.64
N GLU A 39 -37.56 -42.29 2.07
CA GLU A 39 -36.93 -41.17 2.77
C GLU A 39 -37.95 -40.05 2.99
N LYS A 40 -38.00 -39.50 4.21
CA LYS A 40 -38.92 -38.41 4.58
C LYS A 40 -38.21 -37.09 4.77
N GLY A 41 -36.89 -37.11 4.77
CA GLY A 41 -36.03 -35.97 4.96
C GLY A 41 -34.70 -36.37 5.57
N HIS A 42 -33.74 -35.49 5.40
CA HIS A 42 -32.40 -35.62 5.96
C HIS A 42 -31.88 -34.26 6.43
N LEU A 43 -30.87 -34.33 7.29
CA LEU A 43 -30.02 -33.20 7.65
C LEU A 43 -28.61 -33.54 7.17
N ASP A 44 -28.04 -32.70 6.31
CA ASP A 44 -26.73 -32.94 5.71
C ASP A 44 -25.56 -32.59 6.67
N HIS A 45 -24.34 -32.88 6.22
CA HIS A 45 -23.13 -32.60 7.00
C HIS A 45 -22.92 -31.09 7.19
N GLU A 46 -23.32 -30.28 6.21
CA GLU A 46 -23.28 -28.83 6.23
C GLU A 46 -24.24 -28.23 7.27
N GLN A 47 -25.33 -28.90 7.61
CA GLN A 47 -26.27 -28.48 8.64
C GLN A 47 -25.82 -28.94 10.03
N VAL A 48 -25.47 -30.23 10.18
CA VAL A 48 -25.29 -30.83 11.51
C VAL A 48 -23.93 -31.50 11.77
N GLY A 49 -23.10 -31.67 10.75
CA GLY A 49 -21.84 -32.41 10.82
C GLY A 49 -22.07 -33.92 10.98
N SER A 50 -21.05 -34.65 11.45
CA SER A 50 -21.25 -36.06 11.81
C SER A 50 -22.06 -36.17 13.11
N MET A 51 -22.96 -37.15 13.13
CA MET A 51 -23.91 -37.36 14.23
C MET A 51 -23.67 -38.70 14.90
N GLY A 52 -23.74 -38.72 16.23
CA GLY A 52 -23.63 -39.95 17.03
C GLY A 52 -25.01 -40.56 17.33
N LEU A 53 -25.96 -39.72 17.72
CA LEU A 53 -27.32 -40.14 18.08
C LEU A 53 -28.36 -39.25 17.41
N VAL A 54 -29.45 -39.88 17.01
CA VAL A 54 -30.71 -39.23 16.64
C VAL A 54 -31.86 -39.99 17.30
N GLU A 55 -32.82 -39.25 17.87
CA GLU A 55 -34.11 -39.79 18.32
C GLU A 55 -35.21 -38.88 17.75
N MET A 56 -36.22 -39.46 17.12
CA MET A 56 -37.39 -38.75 16.61
C MET A 56 -38.54 -38.81 17.63
N LEU A 57 -39.25 -37.69 17.83
CA LEU A 57 -40.47 -37.71 18.62
C LEU A 57 -41.66 -38.10 17.73
N HIS A 58 -42.17 -39.31 17.91
CA HIS A 58 -43.29 -39.90 17.17
C HIS A 58 -43.14 -39.69 15.66
N ARG A 59 -44.17 -39.17 15.00
CA ARG A 59 -44.12 -38.68 13.62
C ARG A 59 -44.29 -37.16 13.62
N SER A 60 -43.40 -36.47 14.34
CA SER A 60 -43.35 -35.01 14.38
C SER A 60 -42.07 -34.49 13.73
N ASN A 61 -42.00 -33.18 13.63
CA ASN A 61 -40.86 -32.37 13.21
C ASN A 61 -39.74 -32.27 14.27
N LEU A 62 -39.91 -32.84 15.47
CA LEU A 62 -38.94 -32.72 16.55
C LEU A 62 -37.95 -33.90 16.56
N LEU A 63 -36.67 -33.56 16.47
CA LEU A 63 -35.54 -34.50 16.55
C LEU A 63 -34.62 -34.10 17.71
N ALA A 64 -34.17 -35.08 18.49
CA ALA A 64 -33.08 -34.90 19.43
C ALA A 64 -31.79 -35.42 18.82
N LEU A 65 -30.78 -34.55 18.77
CA LEU A 65 -29.52 -34.71 18.06
C LEU A 65 -28.35 -34.68 19.05
N VAL A 66 -27.41 -35.61 18.93
CA VAL A 66 -26.15 -35.60 19.69
C VAL A 66 -24.98 -35.78 18.72
N GLY A 67 -24.06 -34.81 18.73
CA GLY A 67 -22.86 -34.87 17.89
C GLY A 67 -21.98 -36.07 18.24
N GLY A 68 -21.33 -36.63 17.23
CA GLY A 68 -20.44 -37.78 17.38
C GLY A 68 -19.85 -38.18 16.04
N GLY A 69 -19.05 -39.26 15.99
CA GLY A 69 -18.35 -39.66 14.76
C GLY A 69 -17.05 -38.87 14.54
N SER A 70 -16.63 -38.77 13.29
CA SER A 70 -15.30 -38.27 12.91
C SER A 70 -15.19 -36.74 12.77
N SER A 71 -16.28 -36.05 12.47
CA SER A 71 -16.30 -34.61 12.16
C SER A 71 -17.56 -33.90 12.71
N PRO A 72 -17.82 -33.97 14.03
CA PRO A 72 -19.05 -33.41 14.60
C PRO A 72 -18.99 -31.88 14.68
N LYS A 73 -20.11 -31.21 14.37
CA LYS A 73 -20.26 -29.76 14.63
C LYS A 73 -20.66 -29.46 16.08
N PHE A 74 -21.26 -30.44 16.75
CA PHE A 74 -21.83 -30.31 18.08
C PHE A 74 -21.16 -31.28 19.06
N SER A 75 -21.21 -30.95 20.35
CA SER A 75 -20.57 -31.77 21.38
C SER A 75 -21.36 -33.06 21.68
N GLU A 76 -20.64 -34.14 22.00
CA GLU A 76 -21.23 -35.40 22.50
C GLU A 76 -21.87 -35.28 23.89
N ILE A 77 -21.62 -34.16 24.59
CA ILE A 77 -22.23 -33.87 25.90
C ILE A 77 -23.48 -32.99 25.79
N SER A 78 -23.87 -32.58 24.58
CA SER A 78 -25.05 -31.74 24.32
C SER A 78 -26.11 -32.53 23.55
N VAL A 79 -27.37 -32.43 24.01
CA VAL A 79 -28.55 -32.84 23.24
C VAL A 79 -29.19 -31.60 22.66
N LEU A 80 -29.18 -31.51 21.34
CA LEU A 80 -29.78 -30.43 20.58
C LEU A 80 -31.16 -30.84 20.08
N ILE A 81 -32.14 -29.96 20.21
CA ILE A 81 -33.48 -30.20 19.68
C ILE A 81 -33.63 -29.43 18.38
N TRP A 82 -33.80 -30.18 17.30
CA TRP A 82 -34.11 -29.66 15.98
C TRP A 82 -35.61 -29.68 15.76
N ASP A 83 -36.15 -28.56 15.29
CA ASP A 83 -37.53 -28.40 14.86
C ASP A 83 -37.55 -28.17 13.35
N ASP A 84 -37.87 -29.22 12.59
CA ASP A 84 -37.80 -29.16 11.13
C ASP A 84 -38.92 -28.34 10.49
N ALA A 85 -40.01 -28.09 11.22
CA ALA A 85 -41.15 -27.29 10.74
C ALA A 85 -40.90 -25.78 10.84
N ARG A 86 -39.86 -25.35 11.59
CA ARG A 86 -39.52 -23.92 11.65
C ARG A 86 -38.97 -23.42 10.33
N GLU A 87 -39.60 -22.37 9.82
CA GLU A 87 -39.03 -21.59 8.74
C GLU A 87 -37.86 -20.76 9.27
N GLY A 88 -36.72 -20.85 8.58
CA GLY A 88 -35.52 -20.10 8.89
C GLY A 88 -34.52 -20.24 7.75
N LYS A 89 -33.82 -19.15 7.41
CA LYS A 89 -32.78 -19.20 6.36
C LYS A 89 -31.51 -19.86 6.88
N ASP A 90 -31.25 -19.74 8.18
CA ASP A 90 -30.10 -20.36 8.83
C ASP A 90 -30.55 -21.63 9.57
N SER A 91 -29.86 -22.74 9.32
CA SER A 91 -29.98 -24.00 10.07
C SER A 91 -30.01 -23.80 11.59
N LYS A 92 -29.31 -22.78 12.12
CA LYS A 92 -29.29 -22.46 13.56
C LYS A 92 -30.66 -22.03 14.10
N GLU A 93 -31.56 -21.51 13.26
CA GLU A 93 -32.91 -21.10 13.67
C GLU A 93 -33.83 -22.30 13.92
N LYS A 94 -33.51 -23.46 13.33
CA LYS A 94 -34.20 -24.74 13.58
C LYS A 94 -33.72 -25.44 14.86
N LEU A 95 -32.59 -25.04 15.43
CA LEU A 95 -32.12 -25.53 16.73
C LEU A 95 -32.81 -24.77 17.86
N VAL A 96 -33.86 -25.37 18.43
CA VAL A 96 -34.78 -24.68 19.35
C VAL A 96 -34.39 -24.80 20.83
N LEU A 97 -33.67 -25.85 21.20
CA LEU A 97 -33.27 -26.12 22.59
C LEU A 97 -31.92 -26.85 22.62
N GLU A 98 -31.18 -26.64 23.71
CA GLU A 98 -29.95 -27.38 24.02
C GLU A 98 -29.97 -27.83 25.48
N PHE A 99 -29.67 -29.11 25.71
CA PHE A 99 -29.39 -29.66 27.04
C PHE A 99 -27.92 -30.06 27.11
N THR A 100 -27.14 -29.40 27.96
CA THR A 100 -25.70 -29.68 28.12
C THR A 100 -25.42 -30.44 29.41
N PHE A 101 -24.56 -31.45 29.34
CA PHE A 101 -24.17 -32.30 30.45
C PHE A 101 -22.66 -32.28 30.68
N THR A 102 -22.20 -32.93 31.76
CA THR A 102 -20.76 -33.00 32.11
C THR A 102 -20.07 -34.26 31.58
N LYS A 103 -20.83 -35.19 30.99
CA LYS A 103 -20.33 -36.44 30.42
C LYS A 103 -21.06 -36.74 29.11
N PRO A 104 -20.50 -37.58 28.23
CA PRO A 104 -21.13 -37.94 26.96
C PRO A 104 -22.51 -38.55 27.14
N VAL A 105 -23.44 -38.12 26.28
CA VAL A 105 -24.79 -38.66 26.18
C VAL A 105 -24.73 -39.96 25.40
N LEU A 106 -25.26 -41.04 26.01
CA LEU A 106 -25.23 -42.39 25.44
C LEU A 106 -26.56 -42.82 24.83
N SER A 107 -27.67 -42.21 25.25
CA SER A 107 -28.99 -42.43 24.65
C SER A 107 -29.93 -41.28 25.00
N VAL A 108 -30.87 -40.99 24.09
CA VAL A 108 -32.00 -40.10 24.32
C VAL A 108 -33.28 -40.89 24.07
N ARG A 109 -34.29 -40.74 24.94
CA ARG A 109 -35.64 -41.28 24.74
C ARG A 109 -36.66 -40.17 24.83
N MET A 110 -37.64 -40.19 23.95
CA MET A 110 -38.72 -39.19 23.95
C MET A 110 -40.10 -39.83 23.98
N ARG A 111 -41.03 -39.11 24.59
CA ARG A 111 -42.48 -39.31 24.48
C ARG A 111 -43.14 -37.93 24.44
N HIS A 112 -44.44 -37.88 24.21
CA HIS A 112 -45.19 -36.64 24.01
C HIS A 112 -44.94 -35.53 25.06
N ASP A 113 -44.71 -35.88 26.33
CA ASP A 113 -44.59 -34.95 27.45
C ASP A 113 -43.21 -34.94 28.14
N LYS A 114 -42.25 -35.76 27.67
CA LYS A 114 -40.95 -35.95 28.33
C LYS A 114 -39.82 -36.29 27.37
N ILE A 115 -38.64 -35.80 27.72
CA ILE A 115 -37.36 -36.23 27.18
C ILE A 115 -36.48 -36.80 28.28
N VAL A 116 -35.82 -37.91 27.98
CA VAL A 116 -34.93 -38.64 28.89
C VAL A 116 -33.53 -38.68 28.28
N ILE A 117 -32.54 -38.25 29.04
CA ILE A 117 -31.14 -38.24 28.64
C ILE A 117 -30.37 -39.22 29.50
N VAL A 118 -29.68 -40.16 28.86
CA VAL A 118 -28.93 -41.24 29.52
C VAL A 118 -27.44 -40.99 29.37
N LEU A 119 -26.76 -40.80 30.50
CA LEU A 119 -25.30 -40.85 30.61
C LEU A 119 -24.88 -42.24 31.11
N LYS A 120 -23.56 -42.48 31.20
CA LYS A 120 -23.02 -43.77 31.65
C LYS A 120 -23.54 -44.23 33.02
N ASN A 121 -23.75 -43.31 33.96
CA ASN A 121 -24.13 -43.63 35.34
C ASN A 121 -25.31 -42.82 35.86
N ARG A 122 -25.94 -42.02 35.00
CA ARG A 122 -27.04 -41.12 35.37
C ARG A 122 -28.07 -41.03 34.27
N ILE A 123 -29.33 -40.92 34.66
CA ILE A 123 -30.45 -40.68 33.76
C ILE A 123 -31.17 -39.42 34.23
N TYR A 124 -31.38 -38.48 33.31
CA TYR A 124 -32.11 -37.24 33.55
C TYR A 124 -33.45 -37.30 32.82
N VAL A 125 -34.52 -36.84 33.48
CA VAL A 125 -35.86 -36.73 32.90
C VAL A 125 -36.29 -35.28 32.95
N TYR A 126 -36.69 -34.72 31.82
CA TYR A 126 -37.21 -33.36 31.69
C TYR A 126 -38.65 -33.39 31.16
N SER A 127 -39.44 -32.37 31.50
CA SER A 127 -40.65 -32.07 30.72
C SER A 127 -40.26 -31.64 29.31
N PHE A 128 -41.10 -31.96 28.33
CA PHE A 128 -40.85 -31.66 26.92
C PHE A 128 -42.19 -31.73 26.15
N PRO A 129 -42.40 -31.01 25.04
CA PRO A 129 -41.54 -29.98 24.45
C PRO A 129 -41.66 -28.62 25.15
N ASP A 130 -42.81 -28.32 25.75
CA ASP A 130 -43.11 -26.98 26.26
C ASP A 130 -42.44 -26.68 27.61
N ASN A 131 -41.67 -25.59 27.66
CA ASN A 131 -40.92 -25.11 28.83
C ASN A 131 -40.17 -26.23 29.59
N PRO A 132 -39.11 -26.80 28.99
CA PRO A 132 -38.40 -27.93 29.59
C PRO A 132 -37.82 -27.62 30.96
N ARG A 133 -38.17 -28.44 31.95
CA ARG A 133 -37.59 -28.40 33.30
C ARG A 133 -37.21 -29.80 33.75
N LYS A 134 -36.12 -29.92 34.51
CA LYS A 134 -35.70 -31.20 35.10
C LYS A 134 -36.77 -31.67 36.09
N LEU A 135 -37.33 -32.85 35.85
CA LEU A 135 -38.32 -33.49 36.71
C LEU A 135 -37.64 -34.47 37.67
N PHE A 136 -36.76 -35.30 37.13
CA PHE A 136 -36.09 -36.38 37.87
C PHE A 136 -34.65 -36.58 37.43
N GLU A 137 -33.88 -37.20 38.32
CA GLU A 137 -32.52 -37.66 38.08
C GLU A 137 -32.34 -38.99 38.83
N PHE A 138 -31.79 -40.00 38.14
CA PHE A 138 -31.57 -41.34 38.69
C PHE A 138 -30.12 -41.74 38.52
N ASP A 139 -29.51 -42.28 39.57
CA ASP A 139 -28.22 -42.97 39.46
C ASP A 139 -28.42 -44.39 38.94
N THR A 140 -27.51 -44.85 38.09
CA THR A 140 -27.50 -46.22 37.56
C THR A 140 -26.19 -46.92 37.87
N ARG A 141 -26.15 -48.26 37.72
CA ARG A 141 -24.86 -48.97 37.52
C ARG A 141 -24.17 -48.45 36.25
N ASP A 142 -22.94 -48.91 35.99
CA ASP A 142 -22.29 -48.71 34.69
C ASP A 142 -23.22 -49.16 33.55
N ASN A 143 -23.67 -48.19 32.75
CA ASN A 143 -24.58 -48.33 31.64
C ASN A 143 -23.93 -47.81 30.34
N PRO A 144 -22.83 -48.43 29.88
CA PRO A 144 -22.03 -47.91 28.76
C PRO A 144 -22.73 -47.93 27.40
N LYS A 145 -23.85 -48.67 27.27
CA LYS A 145 -24.68 -48.69 26.07
C LYS A 145 -25.88 -47.74 26.14
N GLY A 146 -25.99 -46.93 27.21
CA GLY A 146 -27.12 -46.03 27.41
C GLY A 146 -28.47 -46.76 27.47
N LEU A 147 -28.52 -48.00 27.99
CA LEU A 147 -29.73 -48.81 28.00
C LEU A 147 -30.81 -48.14 28.84
N CYS A 148 -31.92 -47.84 28.19
CA CYS A 148 -33.09 -47.23 28.77
C CYS A 148 -34.25 -47.42 27.79
N ASP A 149 -35.43 -47.66 28.32
CA ASP A 149 -36.66 -47.59 27.52
C ASP A 149 -37.75 -46.84 28.26
N LEU A 150 -38.55 -46.11 27.49
CA LEU A 150 -39.59 -45.21 28.00
C LEU A 150 -40.91 -45.60 27.36
N CYS A 151 -41.89 -45.93 28.19
CA CYS A 151 -43.22 -46.31 27.73
C CYS A 151 -43.85 -45.15 26.93
N PRO A 152 -44.30 -45.39 25.70
CA PRO A 152 -44.90 -44.36 24.86
C PRO A 152 -46.38 -44.09 25.18
N SER A 153 -47.03 -44.95 25.98
CA SER A 153 -48.45 -44.82 26.34
C SER A 153 -48.78 -43.50 27.01
N LEU A 154 -49.93 -42.92 26.66
CA LEU A 154 -50.50 -41.76 27.35
C LEU A 154 -50.93 -42.09 28.79
N GLU A 155 -51.33 -43.35 29.03
CA GLU A 155 -51.90 -43.80 30.30
C GLU A 155 -50.84 -44.21 31.33
N LYS A 156 -49.62 -44.53 30.88
CA LYS A 156 -48.55 -45.02 31.75
C LYS A 156 -47.21 -44.37 31.42
N GLN A 157 -46.55 -43.81 32.43
CA GLN A 157 -45.28 -43.09 32.28
C GLN A 157 -44.11 -43.90 32.83
N LEU A 158 -44.00 -45.15 32.37
CA LEU A 158 -43.02 -46.09 32.90
C LEU A 158 -41.67 -45.94 32.22
N LEU A 159 -40.63 -45.75 33.02
CA LEU A 159 -39.23 -45.75 32.60
C LEU A 159 -38.58 -47.05 33.09
N VAL A 160 -37.75 -47.68 32.25
CA VAL A 160 -36.95 -48.85 32.64
C VAL A 160 -35.49 -48.72 32.22
N PHE A 161 -34.59 -49.14 33.10
CA PHE A 161 -33.15 -49.13 32.86
C PHE A 161 -32.44 -50.19 33.73
N PRO A 162 -31.15 -50.50 33.49
CA PRO A 162 -30.39 -51.42 34.34
C PRO A 162 -30.31 -50.94 35.80
N GLY A 163 -30.71 -51.79 36.75
CA GLY A 163 -30.66 -51.48 38.18
C GLY A 163 -29.24 -51.60 38.76
N HIS A 164 -29.05 -51.20 40.02
CA HIS A 164 -27.71 -51.23 40.65
C HIS A 164 -27.11 -52.65 40.71
N LYS A 165 -27.92 -53.68 40.98
CA LYS A 165 -27.47 -55.07 41.03
C LYS A 165 -27.28 -55.62 39.60
N CYS A 166 -26.23 -56.42 39.39
CA CYS A 166 -25.95 -57.03 38.09
C CYS A 166 -27.14 -57.85 37.60
N GLY A 167 -27.52 -57.64 36.33
CA GLY A 167 -28.66 -58.30 35.70
C GLY A 167 -30.05 -57.89 36.23
N SER A 168 -30.12 -56.89 37.10
CA SER A 168 -31.41 -56.33 37.55
C SER A 168 -31.90 -55.19 36.65
N LEU A 169 -33.21 -54.97 36.65
CA LEU A 169 -33.88 -53.81 36.05
C LEU A 169 -34.46 -52.93 37.16
N GLN A 170 -34.37 -51.61 37.00
CA GLN A 170 -35.14 -50.64 37.76
C GLN A 170 -36.26 -50.09 36.88
N LEU A 171 -37.47 -50.05 37.45
CA LEU A 171 -38.66 -49.52 36.82
C LEU A 171 -39.19 -48.36 37.68
N VAL A 172 -39.52 -47.25 37.02
CA VAL A 172 -40.01 -46.03 37.67
C VAL A 172 -41.27 -45.56 36.96
N ASP A 173 -42.35 -45.43 37.73
CA ASP A 173 -43.56 -44.75 37.24
C ASP A 173 -43.40 -43.23 37.49
N LEU A 174 -43.11 -42.51 36.41
CA LEU A 174 -42.83 -41.07 36.42
C LEU A 174 -44.08 -40.22 36.70
N ALA A 175 -45.29 -40.77 36.60
CA ALA A 175 -46.53 -40.07 36.97
C ALA A 175 -46.81 -40.17 38.47
N SER A 176 -46.52 -41.32 39.07
CA SER A 176 -46.67 -41.55 40.52
C SER A 176 -45.55 -40.93 41.36
N THR A 177 -44.44 -40.54 40.72
CA THR A 177 -43.28 -39.94 41.38
C THR A 177 -43.52 -38.43 41.51
N LYS A 178 -43.58 -37.88 42.72
CA LYS A 178 -43.64 -36.42 42.86
C LYS A 178 -42.32 -35.82 42.34
N PRO A 179 -42.34 -34.80 41.46
CA PRO A 179 -41.12 -34.13 41.01
C PRO A 179 -40.25 -33.71 42.19
N GLY A 180 -38.94 -33.95 42.10
CA GLY A 180 -38.00 -33.71 43.20
C GLY A 180 -38.04 -34.72 44.35
N THR A 181 -38.92 -35.74 44.31
CA THR A 181 -38.91 -36.86 45.25
C THR A 181 -38.38 -38.13 44.59
N SER A 182 -37.65 -38.94 45.36
CA SER A 182 -37.31 -40.31 44.99
C SER A 182 -38.52 -41.21 45.30
N SER A 183 -39.45 -41.37 44.37
CA SER A 183 -40.25 -42.62 44.41
C SER A 183 -39.28 -43.75 44.18
N ALA A 184 -39.23 -44.70 45.11
CA ALA A 184 -38.26 -45.79 45.04
C ALA A 184 -38.51 -46.60 43.77
N PRO A 185 -37.56 -46.61 42.81
CA PRO A 185 -37.63 -47.53 41.67
C PRO A 185 -37.84 -48.95 42.20
N PHE A 186 -38.76 -49.71 41.62
CA PHE A 186 -38.86 -51.11 41.98
C PHE A 186 -37.92 -51.94 41.12
N THR A 187 -37.35 -52.98 41.73
CA THR A 187 -36.30 -53.79 41.12
C THR A 187 -36.83 -55.15 40.69
N ILE A 188 -36.49 -55.56 39.47
CA ILE A 188 -36.69 -56.93 38.97
C ILE A 188 -35.32 -57.58 38.79
N ASN A 189 -35.07 -58.70 39.46
CA ASN A 189 -33.85 -59.50 39.28
C ASN A 189 -33.98 -60.36 38.01
N ALA A 190 -33.79 -59.73 36.84
CA ALA A 190 -34.10 -60.36 35.56
C ALA A 190 -33.07 -61.40 35.13
N HIS A 191 -31.77 -61.14 35.31
CA HIS A 191 -30.65 -61.96 34.83
C HIS A 191 -29.52 -62.05 35.87
N GLN A 192 -28.55 -62.94 35.63
CA GLN A 192 -27.36 -63.10 36.50
C GLN A 192 -26.12 -62.36 35.96
N SER A 193 -26.16 -61.91 34.71
CA SER A 193 -25.13 -61.09 34.05
C SER A 193 -25.72 -59.78 33.57
N ASP A 194 -24.86 -58.83 33.20
CA ASP A 194 -25.29 -57.49 32.81
C ASP A 194 -26.37 -57.50 31.71
N ILE A 195 -27.30 -56.55 31.82
CA ILE A 195 -28.37 -56.36 30.83
C ILE A 195 -27.73 -55.88 29.52
N ALA A 196 -28.14 -56.47 28.40
CA ALA A 196 -27.71 -56.09 27.05
C ALA A 196 -28.83 -55.40 26.27
N CYS A 197 -30.08 -55.80 26.48
CA CYS A 197 -31.25 -55.19 25.86
C CYS A 197 -32.41 -55.13 26.85
N VAL A 198 -33.21 -54.07 26.77
CA VAL A 198 -34.47 -53.89 27.52
C VAL A 198 -35.49 -53.20 26.63
N SER A 199 -36.74 -53.62 26.72
CA SER A 199 -37.86 -52.98 26.00
C SER A 199 -39.15 -53.14 26.79
N LEU A 200 -40.01 -52.12 26.76
CA LEU A 200 -41.39 -52.14 27.22
C LEU A 200 -42.33 -52.37 26.04
N ASN A 201 -43.44 -53.06 26.28
CA ASN A 201 -44.53 -53.06 25.31
C ASN A 201 -45.29 -51.71 25.31
N GLN A 202 -46.11 -51.47 24.28
CA GLN A 202 -46.79 -50.19 24.08
C GLN A 202 -47.61 -49.71 25.31
N PRO A 203 -48.44 -50.56 25.96
CA PRO A 203 -49.16 -50.17 27.18
C PRO A 203 -48.28 -50.06 28.43
N GLY A 204 -47.01 -50.48 28.36
CA GLY A 204 -46.10 -50.54 29.50
C GLY A 204 -46.50 -51.56 30.56
N THR A 205 -47.24 -52.61 30.19
CA THR A 205 -47.67 -53.70 31.08
C THR A 205 -46.62 -54.80 31.21
N VAL A 206 -45.78 -54.99 30.19
CA VAL A 206 -44.75 -56.04 30.12
C VAL A 206 -43.40 -55.44 29.80
N VAL A 207 -42.36 -55.89 30.49
CA VAL A 207 -40.96 -55.60 30.17
C VAL A 207 -40.25 -56.85 29.66
N ALA A 208 -39.58 -56.76 28.52
CA ALA A 208 -38.66 -57.77 28.02
C ALA A 208 -37.21 -57.36 28.28
N SER A 209 -36.36 -58.33 28.60
CA SER A 209 -34.93 -58.09 28.77
C SER A 209 -34.09 -59.28 28.36
N ALA A 210 -32.87 -59.00 27.89
CA ALA A 210 -31.84 -59.98 27.63
C ALA A 210 -30.53 -59.51 28.28
N SER A 211 -29.72 -60.47 28.73
CA SER A 211 -28.38 -60.17 29.27
C SER A 211 -27.29 -60.30 28.21
N GLN A 212 -26.06 -59.95 28.55
CA GLN A 212 -24.88 -60.12 27.69
C GLN A 212 -24.61 -61.57 27.26
N LYS A 213 -25.15 -62.57 27.98
CA LYS A 213 -25.13 -63.95 27.50
C LYS A 213 -25.98 -64.13 26.24
N GLY A 214 -27.09 -63.40 26.13
CA GLY A 214 -27.99 -63.36 24.97
C GLY A 214 -28.57 -64.69 24.50
N THR A 215 -28.59 -65.71 25.37
CA THR A 215 -29.28 -66.98 25.10
C THR A 215 -30.76 -66.92 25.45
N LEU A 216 -31.12 -66.13 26.46
CA LEU A 216 -32.46 -66.03 27.02
C LEU A 216 -33.00 -64.61 26.97
N ILE A 217 -34.28 -64.49 26.64
CA ILE A 217 -35.07 -63.27 26.76
C ILE A 217 -36.15 -63.55 27.81
N ARG A 218 -36.25 -62.69 28.82
CA ARG A 218 -37.20 -62.84 29.93
C ARG A 218 -38.19 -61.71 29.91
N LEU A 219 -39.46 -62.06 30.09
CA LEU A 219 -40.57 -61.12 30.14
C LEU A 219 -41.16 -61.12 31.55
N PHE A 220 -41.41 -59.92 32.06
CA PHE A 220 -41.99 -59.72 33.38
C PHE A 220 -43.19 -58.80 33.29
N ASP A 221 -44.19 -59.09 34.11
CA ASP A 221 -45.29 -58.17 34.34
C ASP A 221 -44.78 -56.97 35.15
N THR A 222 -45.04 -55.77 34.66
CA THR A 222 -44.49 -54.53 35.24
C THR A 222 -45.17 -54.12 36.55
N GLN A 223 -46.33 -54.69 36.88
CA GLN A 223 -47.07 -54.36 38.11
C GLN A 223 -46.77 -55.37 39.22
N SER A 224 -47.01 -56.64 38.96
CA SER A 224 -46.78 -57.77 39.88
C SER A 224 -45.30 -58.16 40.00
N LYS A 225 -44.47 -57.81 39.00
CA LYS A 225 -43.03 -58.15 38.91
C LYS A 225 -42.77 -59.63 38.67
N GLU A 226 -43.82 -60.39 38.39
CA GLU A 226 -43.72 -61.82 38.13
C GLU A 226 -43.13 -62.10 36.75
N LYS A 227 -42.32 -63.16 36.66
CA LYS A 227 -41.79 -63.63 35.38
C LYS A 227 -42.92 -64.32 34.61
N LEU A 228 -43.32 -63.74 33.49
CA LEU A 228 -44.39 -64.26 32.64
C LEU A 228 -43.89 -65.39 31.73
N VAL A 229 -42.76 -65.17 31.05
CA VAL A 229 -42.20 -66.15 30.12
C VAL A 229 -40.69 -66.02 30.02
N GLU A 230 -40.03 -67.16 29.77
CA GLU A 230 -38.62 -67.24 29.42
C GLU A 230 -38.50 -67.85 28.02
N LEU A 231 -38.03 -67.02 27.09
CA LEU A 231 -37.82 -67.35 25.70
C LEU A 231 -36.34 -67.67 25.47
N ARG A 232 -36.08 -68.65 24.61
CA ARG A 232 -34.73 -69.08 24.26
C ARG A 232 -34.44 -68.71 22.81
N ARG A 233 -33.52 -67.75 22.64
CA ARG A 233 -33.01 -67.33 21.34
C ARG A 233 -32.14 -68.42 20.72
N GLY A 234 -31.24 -69.01 21.51
CA GLY A 234 -30.35 -70.08 21.03
C GLY A 234 -29.67 -70.81 22.19
N THR A 235 -28.92 -71.88 21.85
CA THR A 235 -27.98 -72.52 22.78
C THR A 235 -26.77 -71.63 23.03
N ASP A 236 -26.25 -71.04 21.96
CA ASP A 236 -24.96 -70.36 21.99
C ASP A 236 -25.12 -68.89 22.41
N PRO A 237 -24.14 -68.32 23.12
CA PRO A 237 -24.13 -66.90 23.40
C PRO A 237 -24.17 -66.05 22.13
N ALA A 238 -24.87 -64.93 22.20
CA ALA A 238 -25.01 -63.97 21.12
C ALA A 238 -25.17 -62.56 21.68
N THR A 239 -24.56 -61.57 21.05
CA THR A 239 -24.80 -60.16 21.38
C THR A 239 -26.11 -59.73 20.74
N LEU A 240 -27.15 -59.47 21.54
CA LEU A 240 -28.38 -58.88 21.00
C LEU A 240 -28.17 -57.41 20.71
N TYR A 241 -28.70 -56.96 19.57
CA TYR A 241 -28.70 -55.56 19.15
C TYR A 241 -30.03 -54.88 19.46
N CYS A 242 -31.15 -55.59 19.28
CA CYS A 242 -32.48 -55.05 19.46
C CYS A 242 -33.47 -56.13 19.92
N ILE A 243 -34.41 -55.75 20.77
CA ILE A 243 -35.62 -56.50 21.07
C ILE A 243 -36.80 -55.53 20.98
N ASN A 244 -37.91 -55.95 20.38
CA ASN A 244 -39.12 -55.13 20.29
C ASN A 244 -40.37 -56.00 20.35
N PHE A 245 -41.44 -55.44 20.92
CA PHE A 245 -42.78 -56.03 20.88
C PHE A 245 -43.50 -55.65 19.59
N SER A 246 -44.41 -56.50 19.14
CA SER A 246 -45.45 -56.09 18.19
C SER A 246 -46.40 -55.08 18.85
N HIS A 247 -47.09 -54.26 18.05
CA HIS A 247 -47.98 -53.20 18.57
C HIS A 247 -49.06 -53.74 19.54
N ASP A 248 -49.59 -54.91 19.25
CA ASP A 248 -50.61 -55.60 20.05
C ASP A 248 -50.01 -56.49 21.16
N SER A 249 -48.68 -56.48 21.33
CA SER A 249 -47.93 -57.34 22.25
C SER A 249 -48.10 -58.85 22.00
N SER A 250 -48.60 -59.27 20.84
CA SER A 250 -48.76 -60.69 20.50
C SER A 250 -47.44 -61.38 20.17
N PHE A 251 -46.43 -60.63 19.74
CA PHE A 251 -45.12 -61.15 19.35
C PHE A 251 -43.96 -60.32 19.89
N LEU A 252 -42.77 -60.91 19.89
CA LEU A 252 -41.49 -60.26 20.18
C LEU A 252 -40.45 -60.66 19.14
N CYS A 253 -39.73 -59.68 18.60
CA CYS A 253 -38.61 -59.91 17.71
C CYS A 253 -37.28 -59.59 18.41
N ALA A 254 -36.21 -60.28 18.01
CA ALA A 254 -34.87 -60.09 18.57
C ALA A 254 -33.78 -60.29 17.52
N SER A 255 -32.96 -59.28 17.29
CA SER A 255 -31.78 -59.32 16.40
C SER A 255 -30.48 -59.53 17.19
N SER A 256 -29.49 -60.15 16.56
CA SER A 256 -28.20 -60.45 17.20
C SER A 256 -27.02 -60.50 16.24
N ASP A 257 -25.81 -60.52 16.79
CA ASP A 257 -24.53 -60.73 16.09
C ASP A 257 -24.38 -62.08 15.38
N LYS A 258 -25.37 -62.97 15.50
CA LYS A 258 -25.45 -64.21 14.72
C LYS A 258 -26.00 -64.00 13.30
N GLY A 259 -26.35 -62.77 12.93
CA GLY A 259 -26.99 -62.48 11.65
C GLY A 259 -28.40 -63.05 11.56
N THR A 260 -29.08 -63.25 12.69
CA THR A 260 -30.43 -63.83 12.73
C THR A 260 -31.37 -62.94 13.52
N VAL A 261 -32.59 -62.80 13.01
CA VAL A 261 -33.72 -62.19 13.72
C VAL A 261 -34.68 -63.31 14.11
N HIS A 262 -34.94 -63.44 15.40
CA HIS A 262 -35.87 -64.42 15.97
C HIS A 262 -37.22 -63.78 16.26
N ILE A 263 -38.30 -64.53 16.06
CA ILE A 263 -39.68 -64.11 16.28
C ILE A 263 -40.34 -65.09 17.26
N PHE A 264 -40.90 -64.57 18.35
CA PHE A 264 -41.56 -65.33 19.39
C PHE A 264 -43.02 -64.91 19.53
N ALA A 265 -43.92 -65.88 19.68
CA ALA A 265 -45.29 -65.64 20.07
C ALA A 265 -45.39 -65.45 21.58
N LEU A 266 -46.03 -64.36 22.02
CA LEU A 266 -46.24 -64.04 23.44
C LEU A 266 -47.67 -64.33 23.89
N LYS A 267 -48.65 -64.05 23.02
CA LYS A 267 -50.08 -64.26 23.34
C LYS A 267 -50.48 -65.72 23.22
N ASP A 268 -50.20 -66.35 22.09
CA ASP A 268 -50.34 -67.80 21.92
C ASP A 268 -48.98 -68.48 21.94
N THR A 269 -48.48 -68.73 23.14
CA THR A 269 -47.17 -69.38 23.38
C THR A 269 -47.08 -70.81 22.83
N ARG A 270 -48.19 -71.43 22.40
CA ARG A 270 -48.18 -72.75 21.77
C ARG A 270 -47.59 -72.72 20.35
N LEU A 271 -47.59 -71.54 19.72
CA LEU A 271 -46.96 -71.32 18.42
C LEU A 271 -45.44 -71.39 18.50
N ASN A 272 -44.85 -71.11 19.67
CA ASN A 272 -43.42 -71.24 19.87
C ASN A 272 -42.97 -72.70 19.83
N ARG A 273 -41.84 -72.95 19.18
CA ARG A 273 -41.22 -74.27 19.17
C ARG A 273 -40.81 -74.66 20.59
N ARG A 274 -40.92 -75.94 20.94
CA ARG A 274 -40.44 -76.49 22.22
C ARG A 274 -39.41 -77.58 21.95
N SER A 275 -38.46 -77.77 22.86
CA SER A 275 -37.43 -78.79 22.71
C SER A 275 -38.08 -80.17 22.59
N ALA A 276 -37.53 -81.05 21.74
CA ALA A 276 -38.04 -82.42 21.60
C ALA A 276 -37.99 -83.18 22.94
N LEU A 277 -37.02 -82.85 23.80
CA LEU A 277 -36.88 -83.42 25.13
C LEU A 277 -38.09 -83.12 26.03
N ALA A 278 -38.82 -82.03 25.79
CA ALA A 278 -40.07 -81.76 26.49
C ALA A 278 -41.17 -82.79 26.20
N ARG A 279 -41.11 -83.47 25.06
CA ARG A 279 -42.03 -84.57 24.72
C ARG A 279 -41.61 -85.90 25.36
N VAL A 280 -40.33 -86.08 25.65
CA VAL A 280 -39.81 -87.25 26.36
C VAL A 280 -39.99 -86.99 27.85
N GLY A 281 -41.23 -87.20 28.33
CA GLY A 281 -41.69 -86.75 29.64
C GLY A 281 -40.69 -86.97 30.77
N LYS A 282 -40.40 -85.92 31.54
CA LYS A 282 -39.70 -85.86 32.84
C LYS A 282 -38.92 -87.14 33.26
N VAL A 283 -37.97 -87.60 32.45
CA VAL A 283 -37.03 -88.65 32.85
C VAL A 283 -35.88 -88.00 33.61
N GLY A 284 -36.07 -87.83 34.92
CA GLY A 284 -35.00 -87.48 35.87
C GLY A 284 -34.96 -86.02 36.37
N PRO A 285 -34.34 -85.77 37.53
CA PRO A 285 -34.56 -84.54 38.30
C PRO A 285 -33.77 -83.31 37.84
N MET A 286 -32.91 -83.41 36.82
CA MET A 286 -31.93 -82.35 36.52
C MET A 286 -32.10 -81.60 35.20
N ILE A 287 -33.09 -81.95 34.36
CA ILE A 287 -33.24 -81.33 33.02
C ILE A 287 -34.34 -80.25 32.97
N GLY A 288 -34.93 -79.90 34.12
CA GLY A 288 -36.18 -79.12 34.21
C GLY A 288 -36.20 -77.78 33.46
N GLN A 289 -35.13 -76.98 33.51
CA GLN A 289 -35.16 -75.64 32.90
C GLN A 289 -35.03 -75.63 31.37
N TYR A 290 -34.39 -76.65 30.78
CA TYR A 290 -34.25 -76.75 29.32
C TYR A 290 -35.55 -77.23 28.66
N VAL A 291 -36.32 -78.03 29.39
CA VAL A 291 -37.59 -78.60 28.95
C VAL A 291 -38.70 -77.54 28.88
N ASP A 292 -38.68 -76.54 29.77
CA ASP A 292 -39.72 -75.50 29.81
C ASP A 292 -39.44 -74.29 28.90
N SER A 293 -38.25 -74.22 28.29
CA SER A 293 -37.87 -73.09 27.42
C SER A 293 -38.61 -73.09 26.09
N GLN A 294 -39.11 -71.90 25.71
CA GLN A 294 -39.79 -71.69 24.43
C GLN A 294 -38.83 -71.10 23.39
N TRP A 295 -38.71 -71.76 22.26
CA TRP A 295 -37.88 -71.35 21.12
C TRP A 295 -38.70 -70.53 20.13
N SER A 296 -38.02 -69.77 19.27
CA SER A 296 -38.68 -68.90 18.29
C SER A 296 -39.65 -69.68 17.39
N LEU A 297 -40.84 -69.10 17.19
CA LEU A 297 -41.83 -69.54 16.19
C LEU A 297 -41.19 -69.58 14.80
N ALA A 298 -40.54 -68.48 14.45
CA ALA A 298 -39.89 -68.26 13.18
C ALA A 298 -38.58 -67.48 13.36
N SER A 299 -37.71 -67.54 12.36
CA SER A 299 -36.49 -66.75 12.30
C SER A 299 -36.08 -66.56 10.85
N PHE A 300 -35.36 -65.48 10.56
CA PHE A 300 -34.74 -65.24 9.28
C PHE A 300 -33.32 -64.70 9.45
N THR A 301 -32.56 -64.75 8.36
CA THR A 301 -31.15 -64.36 8.32
C THR A 301 -30.99 -62.98 7.68
N VAL A 302 -30.10 -62.19 8.25
CA VAL A 302 -29.60 -60.90 7.76
C VAL A 302 -28.06 -60.99 7.66
N PRO A 303 -27.36 -60.05 6.99
CA PRO A 303 -25.91 -60.06 6.93
C PRO A 303 -25.28 -60.13 8.34
N ALA A 304 -24.45 -61.16 8.59
CA ALA A 304 -23.98 -61.48 9.94
C ALA A 304 -23.03 -60.43 10.55
N GLU A 305 -22.29 -59.72 9.69
CA GLU A 305 -21.32 -58.70 10.09
C GLU A 305 -21.96 -57.30 10.24
N SER A 306 -23.28 -57.20 10.07
CA SER A 306 -24.02 -55.94 10.13
C SER A 306 -24.97 -55.95 11.32
N ALA A 307 -24.69 -55.08 12.30
CA ALA A 307 -25.62 -54.87 13.41
C ALA A 307 -26.96 -54.35 12.87
N CYS A 308 -28.08 -54.83 13.41
CA CYS A 308 -29.39 -54.40 12.94
C CYS A 308 -30.39 -54.21 14.08
N ILE A 309 -31.28 -53.24 13.90
CA ILE A 309 -32.48 -53.09 14.72
C ILE A 309 -33.64 -53.82 14.03
N CYS A 310 -34.57 -54.36 14.81
CA CYS A 310 -35.74 -55.06 14.29
C CYS A 310 -37.03 -54.57 14.94
N ALA A 311 -38.11 -54.54 14.18
CA ALA A 311 -39.44 -54.13 14.63
C ALA A 311 -40.53 -54.86 13.83
N PHE A 312 -41.78 -54.72 14.26
CA PHE A 312 -42.91 -55.28 13.52
C PHE A 312 -43.48 -54.24 12.58
N GLY A 313 -43.87 -54.68 11.38
CA GLY A 313 -44.61 -53.83 10.47
C GLY A 313 -46.09 -53.79 10.79
N ARG A 314 -46.85 -53.03 9.99
CA ARG A 314 -48.30 -52.98 10.07
C ARG A 314 -48.89 -54.31 9.60
N ASN A 315 -49.87 -54.83 10.33
CA ASN A 315 -50.56 -56.06 9.95
C ASN A 315 -51.22 -55.88 8.57
N THR A 316 -50.77 -56.66 7.60
CA THR A 316 -51.27 -56.60 6.22
C THR A 316 -52.55 -57.42 6.04
N SER A 317 -52.74 -58.46 6.84
CA SER A 317 -53.93 -59.32 6.83
C SER A 317 -54.16 -60.03 8.16
N LYS A 318 -55.31 -60.70 8.33
CA LYS A 318 -55.73 -61.32 9.61
C LYS A 318 -54.74 -62.34 10.19
N ASN A 319 -53.86 -62.95 9.38
CA ASN A 319 -52.95 -64.01 9.83
C ASN A 319 -51.51 -63.84 9.31
N VAL A 320 -51.19 -62.75 8.61
CA VAL A 320 -49.85 -62.48 8.12
C VAL A 320 -49.33 -61.24 8.84
N ASN A 321 -48.25 -61.44 9.56
CA ASN A 321 -47.55 -60.38 10.29
C ASN A 321 -46.21 -60.14 9.59
N SER A 322 -45.69 -58.92 9.64
CA SER A 322 -44.39 -58.58 9.06
C SER A 322 -43.39 -58.19 10.16
N VAL A 323 -42.12 -58.50 9.91
CA VAL A 323 -40.97 -58.04 10.69
C VAL A 323 -40.01 -57.33 9.75
N ILE A 324 -39.57 -56.15 10.15
CA ILE A 324 -38.56 -55.37 9.47
C ILE A 324 -37.24 -55.48 10.25
N ALA A 325 -36.13 -55.61 9.52
CA ALA A 325 -34.78 -55.42 10.03
C ALA A 325 -34.08 -54.30 9.24
N ILE A 326 -33.52 -53.33 9.97
CA ILE A 326 -32.73 -52.22 9.43
C ILE A 326 -31.29 -52.39 9.89
N CYS A 327 -30.37 -52.56 8.96
CA CYS A 327 -29.00 -52.95 9.23
C CYS A 327 -28.03 -51.77 9.00
N VAL A 328 -26.97 -51.66 9.80
CA VAL A 328 -26.00 -50.56 9.72
C VAL A 328 -25.20 -50.53 8.42
N ASP A 329 -25.17 -51.63 7.66
CA ASP A 329 -24.65 -51.68 6.29
C ASP A 329 -25.55 -51.03 5.24
N GLY A 330 -26.63 -50.35 5.67
CA GLY A 330 -27.54 -49.65 4.77
C GLY A 330 -28.63 -50.52 4.18
N THR A 331 -28.78 -51.78 4.63
CA THR A 331 -29.79 -52.71 4.08
C THR A 331 -31.09 -52.73 4.90
N PHE A 332 -32.20 -52.81 4.18
CA PHE A 332 -33.56 -52.97 4.69
C PHE A 332 -34.07 -54.36 4.32
N HIS A 333 -34.63 -55.08 5.28
CA HIS A 333 -35.18 -56.42 5.07
C HIS A 333 -36.58 -56.47 5.65
N LYS A 334 -37.56 -56.89 4.85
CA LYS A 334 -38.92 -57.15 5.30
C LYS A 334 -39.27 -58.60 5.09
N TYR A 335 -39.70 -59.26 6.15
CA TYR A 335 -40.15 -60.64 6.12
C TYR A 335 -41.59 -60.73 6.61
N VAL A 336 -42.38 -61.56 5.94
CA VAL A 336 -43.72 -61.95 6.40
C VAL A 336 -43.64 -63.31 7.07
N PHE A 337 -44.38 -63.48 8.16
CA PHE A 337 -44.47 -64.73 8.89
C PHE A 337 -45.91 -65.08 9.27
N THR A 338 -46.15 -66.38 9.41
CA THR A 338 -47.46 -66.95 9.72
C THR A 338 -47.41 -67.81 10.99
N PRO A 339 -48.56 -68.08 11.64
CA PRO A 339 -48.61 -68.85 12.89
C PRO A 339 -48.08 -70.28 12.81
N ASP A 340 -47.99 -70.88 11.62
CA ASP A 340 -47.39 -72.20 11.38
C ASP A 340 -45.85 -72.17 11.30
N GLY A 341 -45.24 -70.98 11.39
CA GLY A 341 -43.80 -70.79 11.45
C GLY A 341 -43.12 -70.57 10.10
N ASN A 342 -43.88 -70.47 9.01
CA ASN A 342 -43.32 -70.00 7.72
C ASN A 342 -42.86 -68.55 7.86
N CYS A 343 -41.71 -68.23 7.26
CA CYS A 343 -41.13 -66.90 7.29
C CYS A 343 -40.40 -66.65 5.96
N ASN A 344 -40.93 -65.74 5.16
CA ASN A 344 -40.48 -65.49 3.79
C ASN A 344 -40.15 -64.02 3.61
N ARG A 345 -39.11 -63.74 2.83
CA ARG A 345 -38.73 -62.37 2.49
C ARG A 345 -39.80 -61.77 1.57
N GLU A 346 -40.36 -60.64 1.96
CA GLU A 346 -41.33 -59.88 1.17
C GLU A 346 -40.65 -58.74 0.40
N ALA A 347 -39.71 -58.04 1.05
CA ALA A 347 -38.95 -56.97 0.41
C ALA A 347 -37.49 -56.94 0.90
N PHE A 348 -36.61 -56.42 0.04
CA PHE A 348 -35.22 -56.12 0.34
C PHE A 348 -34.84 -54.88 -0.44
N ASP A 349 -34.24 -53.91 0.25
CA ASP A 349 -33.78 -52.66 -0.34
C ASP A 349 -32.49 -52.21 0.33
N VAL A 350 -31.81 -51.25 -0.30
CA VAL A 350 -30.67 -50.57 0.29
C VAL A 350 -31.12 -49.16 0.64
N TYR A 351 -31.57 -48.93 1.87
CA TYR A 351 -32.24 -47.69 2.26
C TYR A 351 -31.34 -46.46 2.13
N LEU A 352 -30.01 -46.63 2.20
CA LEU A 352 -29.06 -45.53 1.97
C LEU A 352 -28.94 -45.10 0.51
N ASP A 353 -29.39 -45.95 -0.43
CA ASP A 353 -29.37 -45.69 -1.87
C ASP A 353 -30.73 -45.17 -2.36
N ILE A 354 -31.72 -45.06 -1.46
CA ILE A 354 -32.96 -44.34 -1.71
C ILE A 354 -32.60 -42.86 -1.72
N CYS A 355 -32.59 -42.25 -2.90
CA CYS A 355 -32.58 -40.81 -3.05
C CYS A 355 -34.01 -40.29 -2.82
N ASP A 356 -34.15 -39.04 -2.36
CA ASP A 356 -35.42 -38.34 -2.50
C ASP A 356 -35.79 -38.39 -3.99
N ASP A 357 -36.96 -38.95 -4.29
CA ASP A 357 -37.58 -38.83 -5.61
C ASP A 357 -37.91 -37.34 -5.81
N ASP A 358 -36.92 -36.52 -6.17
CA ASP A 358 -37.11 -35.17 -6.71
C ASP A 358 -37.79 -35.22 -8.09
N ASP A 359 -38.05 -36.41 -8.62
CA ASP A 359 -38.88 -36.64 -9.79
C ASP A 359 -40.33 -36.95 -9.36
N PHE A 360 -41.16 -35.95 -9.03
CA PHE A 360 -42.59 -35.87 -9.42
C PHE A 360 -43.26 -34.52 -9.09
N ASP B 173 80.01 53.49 -41.90
CA ASP B 173 80.57 52.23 -41.43
C ASP B 173 79.70 51.60 -40.35
N THR B 174 79.44 50.30 -40.49
CA THR B 174 78.63 49.55 -39.53
C THR B 174 79.51 49.22 -38.33
N VAL B 175 79.60 50.16 -37.39
CA VAL B 175 80.44 50.01 -36.21
C VAL B 175 79.78 49.04 -35.24
N VAL B 176 80.30 47.82 -35.15
CA VAL B 176 79.80 46.84 -34.17
C VAL B 176 80.65 47.02 -32.92
N ARG B 177 80.04 47.67 -31.92
CA ARG B 177 80.71 48.00 -30.66
C ARG B 177 79.84 47.58 -29.47
N VAL B 178 79.31 46.36 -29.53
CA VAL B 178 78.46 45.86 -28.47
C VAL B 178 78.50 44.33 -28.46
N GLU B 179 78.39 43.75 -27.27
CA GLU B 179 78.43 42.30 -27.10
C GLU B 179 77.91 41.98 -25.70
N HIS B 180 78.03 40.71 -25.33
CA HIS B 180 77.69 40.29 -23.97
C HIS B 180 78.50 41.08 -22.95
N SER B 181 77.82 41.54 -21.91
CA SER B 181 78.47 42.38 -20.91
C SER B 181 78.15 41.88 -19.51
N PRO B 182 78.72 42.48 -18.47
CA PRO B 182 78.46 42.02 -17.10
C PRO B 182 76.99 42.21 -16.73
N GLY B 183 76.39 41.15 -16.19
CA GLY B 183 75.00 41.19 -15.80
C GLY B 183 74.65 40.01 -14.93
N ASP B 184 73.53 40.13 -14.25
CA ASP B 184 73.05 39.09 -13.34
C ASP B 184 72.47 37.96 -14.18
N GLY B 185 73.37 37.10 -14.66
CA GLY B 185 72.95 35.92 -15.38
C GLY B 185 72.10 35.02 -14.52
N GLU B 186 70.81 34.96 -14.84
CA GLU B 186 69.86 34.20 -14.03
C GLU B 186 70.18 32.71 -14.08
N ARG B 187 69.56 31.95 -13.18
CA ARG B 187 69.68 30.50 -13.22
C ARG B 187 69.22 29.96 -14.58
N GLY B 188 68.00 30.32 -14.97
CA GLY B 188 67.43 29.79 -16.20
C GLY B 188 67.82 30.54 -17.46
N VAL B 189 68.29 31.78 -17.32
CA VAL B 189 68.60 32.62 -18.47
C VAL B 189 69.96 33.27 -18.29
N ALA B 190 70.63 33.53 -19.42
CA ALA B 190 71.93 34.17 -19.41
C ALA B 190 71.76 35.66 -19.72
N VAL B 191 72.24 36.51 -18.81
CA VAL B 191 72.17 37.95 -18.98
C VAL B 191 73.27 38.35 -19.96
N GLU B 192 72.92 38.54 -21.22
CA GLU B 192 73.89 38.89 -22.25
C GLU B 192 73.18 39.77 -23.28
N VAL B 193 73.39 41.08 -23.20
CA VAL B 193 72.75 42.02 -24.12
C VAL B 193 73.52 41.99 -25.43
N ARG B 194 73.09 41.13 -26.35
CA ARG B 194 73.77 40.94 -27.62
C ARG B 194 73.01 41.66 -28.73
N VAL B 195 73.72 42.50 -29.47
CA VAL B 195 73.15 43.11 -30.68
C VAL B 195 73.68 42.34 -31.88
N GLN B 196 72.93 41.32 -32.29
CA GLN B 196 73.37 40.40 -33.34
C GLN B 196 72.62 40.67 -34.64
N ARG B 197 73.31 40.45 -35.76
CA ARG B 197 72.75 40.63 -37.10
C ARG B 197 72.19 42.04 -37.28
N LEU B 198 72.88 43.03 -36.72
CA LEU B 198 72.44 44.41 -36.76
C LEU B 198 73.63 45.31 -37.03
N GLU B 199 73.46 46.25 -37.97
CA GLU B 199 74.46 47.27 -38.24
C GLU B 199 74.26 48.40 -37.24
N TYR B 200 75.03 48.33 -36.14
CA TYR B 200 74.89 49.27 -35.03
C TYR B 200 75.52 50.58 -35.49
N CYS B 201 74.74 51.35 -36.24
CA CYS B 201 75.21 52.53 -36.94
C CYS B 201 74.95 53.76 -36.08
N ASP B 202 75.76 53.94 -35.03
CA ASP B 202 75.66 55.11 -34.18
C ASP B 202 76.33 56.29 -34.88
N GLU B 203 75.54 57.31 -35.19
CA GLU B 203 76.03 58.47 -35.91
C GLU B 203 75.87 59.75 -35.09
N ALA B 221 68.39 66.01 -21.14
CA ALA B 221 69.52 65.50 -21.92
C ALA B 221 69.06 64.49 -22.96
N PHE B 222 68.42 65.00 -24.02
CA PHE B 222 67.91 64.15 -25.11
C PHE B 222 69.08 63.75 -26.01
N LEU B 223 69.90 62.83 -25.52
CA LEU B 223 71.05 62.33 -26.25
C LEU B 223 70.61 61.08 -27.01
N HIS B 224 70.59 61.19 -28.34
CA HIS B 224 70.16 60.11 -29.21
C HIS B 224 71.36 59.55 -29.97
N LYS B 225 71.55 58.25 -29.86
CA LYS B 225 72.53 57.51 -30.67
C LYS B 225 71.74 56.49 -31.48
N LEU B 226 71.38 56.86 -32.71
CA LEU B 226 70.58 56.00 -33.55
C LEU B 226 71.28 54.66 -33.74
N LEU B 227 70.58 53.58 -33.39
CA LEU B 227 71.22 52.27 -33.31
C LEU B 227 70.32 51.16 -33.86
N GLN B 228 70.72 49.91 -33.62
CA GLN B 228 69.90 48.75 -33.96
C GLN B 228 70.20 47.67 -32.91
N LEU B 229 69.38 47.63 -31.86
CA LEU B 229 69.52 46.64 -30.80
C LEU B 229 68.89 45.31 -31.16
N ALA B 230 68.58 45.11 -32.44
CA ALA B 230 68.00 43.87 -32.91
C ALA B 230 68.91 42.68 -32.61
N GLY B 231 68.32 41.59 -32.13
CA GLY B 231 69.08 40.39 -31.87
C GLY B 231 69.29 40.06 -30.42
N VAL B 232 68.70 40.83 -29.50
CA VAL B 232 68.76 40.46 -28.09
C VAL B 232 68.03 39.13 -27.90
N ARG B 233 68.76 38.14 -27.40
CA ARG B 233 68.27 36.77 -27.36
C ARG B 233 68.25 36.25 -25.93
N LEU B 234 67.10 35.71 -25.53
CA LEU B 234 66.98 34.98 -24.26
C LEU B 234 67.11 33.47 -24.55
N HIS B 235 68.31 33.10 -24.99
CA HIS B 235 68.57 31.68 -25.27
C HIS B 235 68.33 30.83 -24.03
N TYR B 236 68.71 31.35 -22.87
CA TYR B 236 68.29 30.83 -21.56
C TYR B 236 68.81 29.40 -21.40
N GLU B 237 68.11 28.55 -20.65
CA GLU B 237 68.52 27.19 -20.31
C GLU B 237 69.86 27.14 -19.57
N GLU B 238 70.19 28.20 -18.82
CA GLU B 238 71.51 28.27 -18.20
C GLU B 238 71.62 27.35 -16.98
N LEU B 239 70.50 27.07 -16.31
CA LEU B 239 70.55 26.18 -15.16
C LEU B 239 70.55 24.70 -15.54
N PRO B 240 69.69 24.23 -16.44
CA PRO B 240 69.56 22.77 -16.63
C PRO B 240 70.79 22.15 -17.28
N ALA B 241 71.16 20.97 -16.78
CA ALA B 241 72.25 20.18 -17.34
C ALA B 241 73.53 20.99 -17.50
N GLN B 242 73.80 21.85 -16.52
CA GLN B 242 74.95 22.76 -16.57
C GLN B 242 74.92 23.58 -17.86
N GLU B 243 73.93 24.45 -17.98
CA GLU B 243 73.66 25.34 -19.11
C GLU B 243 73.09 24.59 -20.30
N GLU B 244 72.89 23.27 -20.19
CA GLU B 244 72.39 22.42 -21.27
C GLU B 244 73.18 22.69 -22.54
N PRO B 245 74.51 22.72 -22.47
CA PRO B 245 75.33 23.04 -23.64
C PRO B 245 75.07 22.04 -24.76
N PRO B 246 74.80 20.78 -24.43
CA PRO B 246 74.46 19.82 -25.48
C PRO B 246 73.21 20.21 -26.28
N GLU B 247 72.22 20.79 -25.62
CA GLU B 247 70.97 21.20 -26.27
C GLU B 247 70.60 22.62 -25.87
N PRO B 248 71.07 23.64 -26.59
CA PRO B 248 70.62 25.01 -26.32
C PRO B 248 69.13 25.14 -26.53
N PRO B 249 68.45 25.93 -25.70
CA PRO B 249 66.98 26.00 -25.81
C PRO B 249 66.53 26.60 -27.13
N LEU B 250 65.39 26.12 -27.62
CA LEU B 250 64.87 26.58 -28.90
C LEU B 250 64.45 28.05 -28.84
N GLN B 251 63.93 28.49 -27.70
CA GLN B 251 63.51 29.87 -27.55
C GLN B 251 64.71 30.80 -27.65
N ILE B 252 64.79 31.52 -28.77
CA ILE B 252 65.89 32.45 -29.03
C ILE B 252 65.40 33.50 -30.01
N GLY B 253 65.91 34.72 -29.86
CA GLY B 253 65.48 35.81 -30.71
C GLY B 253 66.60 36.47 -31.49
N SER B 254 66.41 36.59 -32.80
CA SER B 254 67.34 37.29 -33.68
C SER B 254 66.58 38.37 -34.43
N CYS B 255 67.21 39.54 -34.56
CA CYS B 255 66.56 40.72 -35.15
C CYS B 255 65.27 41.04 -34.41
N SER B 256 65.37 41.26 -33.10
CA SER B 256 64.19 41.50 -32.25
C SER B 256 63.96 42.99 -32.07
N GLY B 257 63.82 43.68 -33.19
CA GLY B 257 63.43 45.07 -33.11
C GLY B 257 64.60 46.02 -33.30
N TYR B 258 64.40 47.00 -34.18
CA TYR B 258 65.44 48.00 -34.42
C TYR B 258 65.70 48.85 -33.19
N MET B 259 64.63 49.36 -32.57
CA MET B 259 64.74 50.30 -31.44
C MET B 259 65.67 51.46 -31.77
N GLU B 260 65.64 51.91 -33.02
CA GLU B 260 66.66 52.81 -33.54
C GLU B 260 66.64 54.16 -32.86
N LEU B 261 65.45 54.71 -32.58
CA LEU B 261 65.35 56.08 -32.09
C LEU B 261 66.16 56.29 -30.82
N MET B 262 66.03 55.36 -29.86
CA MET B 262 66.77 55.43 -28.59
C MET B 262 66.54 56.77 -27.92
N VAL B 263 65.27 57.09 -27.65
CA VAL B 263 64.91 58.40 -27.15
C VAL B 263 65.46 58.60 -25.73
N LYS B 264 65.79 59.86 -25.43
CA LYS B 264 66.24 60.31 -24.11
C LYS B 264 67.53 59.64 -23.66
N LEU B 265 68.00 60.02 -22.47
CA LEU B 265 69.24 59.51 -21.91
C LEU B 265 69.14 59.56 -20.40
N LYS B 266 70.28 59.35 -19.73
CA LYS B 266 70.31 59.30 -18.29
C LYS B 266 69.97 60.67 -17.70
N GLN B 267 69.45 60.66 -16.48
CA GLN B 267 69.08 61.88 -15.77
C GLN B 267 69.51 61.82 -14.32
N LYS B 275 62.69 58.50 -15.32
CA LYS B 275 61.82 58.91 -16.41
C LYS B 275 62.55 58.86 -17.74
N LEU B 276 63.37 57.84 -17.91
CA LEU B 276 64.09 57.62 -19.18
C LEU B 276 63.16 57.00 -20.22
N GLU B 277 62.16 57.79 -20.62
CA GLU B 277 61.22 57.35 -21.63
C GLU B 277 61.95 57.10 -22.95
N VAL B 278 61.55 56.04 -23.64
CA VAL B 278 62.15 55.66 -24.92
C VAL B 278 61.03 55.41 -25.92
N ALA B 279 61.08 56.11 -27.05
CA ALA B 279 60.23 55.81 -28.19
C ALA B 279 61.00 54.85 -29.10
N GLY B 280 60.48 53.64 -29.28
CA GLY B 280 61.25 52.56 -29.85
C GLY B 280 60.58 51.92 -31.05
N GLN B 281 61.40 51.14 -31.77
CA GLN B 281 60.88 50.31 -32.85
C GLN B 281 60.95 48.84 -32.47
N LEU B 282 61.11 48.54 -31.18
CA LEU B 282 61.14 47.18 -30.67
C LEU B 282 60.15 47.08 -29.52
N GLY B 283 59.25 46.10 -29.59
CA GLY B 283 58.24 45.96 -28.56
C GLY B 283 58.75 45.26 -27.31
N SER B 284 59.12 43.99 -27.44
CA SER B 284 59.56 43.17 -26.31
C SER B 284 59.95 41.80 -26.82
N LEU B 285 60.61 41.03 -25.95
CA LEU B 285 60.94 39.64 -26.21
C LEU B 285 60.00 38.72 -25.43
N HIS B 286 60.07 37.43 -25.72
CA HIS B 286 59.23 36.42 -25.06
C HIS B 286 60.11 35.32 -24.50
N LEU B 287 60.06 35.14 -23.19
CA LEU B 287 60.74 34.03 -22.53
C LEU B 287 59.83 32.81 -22.61
N LEU B 288 60.01 32.00 -23.66
CA LEU B 288 59.16 30.83 -23.85
C LEU B 288 59.36 29.82 -22.72
N LEU B 289 60.50 29.88 -22.02
CA LEU B 289 60.65 29.11 -20.80
C LEU B 289 59.59 29.52 -19.79
N THR B 290 59.43 28.71 -18.74
CA THR B 290 58.25 28.79 -17.89
C THR B 290 57.98 30.22 -17.40
N PRO B 291 56.87 30.82 -17.82
CA PRO B 291 56.54 32.19 -17.40
C PRO B 291 55.92 32.29 -16.02
N ARG B 292 55.92 31.19 -15.25
CA ARG B 292 55.42 31.19 -13.89
C ARG B 292 56.53 31.36 -12.86
N GLN B 293 57.61 30.59 -12.96
CA GLN B 293 58.66 30.59 -11.96
C GLN B 293 60.00 31.10 -12.48
N LEU B 294 60.55 30.50 -13.54
CA LEU B 294 61.90 30.84 -13.96
C LEU B 294 61.96 32.25 -14.54
N GLN B 295 61.06 32.57 -15.47
CA GLN B 295 61.06 33.91 -16.06
C GLN B 295 60.69 34.96 -15.02
N GLN B 296 59.75 34.63 -14.13
CA GLN B 296 59.37 35.56 -13.07
C GLN B 296 60.55 35.86 -12.15
N LEU B 297 61.30 34.81 -11.76
CA LEU B 297 62.45 35.02 -10.89
C LEU B 297 63.55 35.79 -11.60
N GLN B 298 63.76 35.52 -12.88
CA GLN B 298 64.73 36.29 -13.65
C GLN B 298 64.36 37.77 -13.69
N GLU B 299 63.07 38.06 -13.95
CA GLU B 299 62.62 39.45 -13.99
C GLU B 299 62.77 40.12 -12.63
N LEU B 300 62.42 39.41 -11.56
CA LEU B 300 62.54 39.98 -10.21
C LEU B 300 64.00 40.28 -9.87
N LEU B 301 64.89 39.34 -10.20
CA LEU B 301 66.31 39.55 -9.92
C LEU B 301 66.88 40.70 -10.74
N SER B 302 66.49 40.80 -12.01
CA SER B 302 66.97 41.89 -12.86
C SER B 302 66.46 43.24 -12.36
N ALA B 303 65.18 43.33 -12.00
CA ALA B 303 64.62 44.60 -11.56
C ALA B 303 65.18 45.01 -10.19
N VAL B 304 65.29 44.05 -9.27
CA VAL B 304 65.76 44.30 -7.91
C VAL B 304 64.89 45.36 -7.22
N ASP B 424 63.12 54.38 -9.86
CA ASP B 424 62.91 55.14 -11.08
C ASP B 424 61.48 54.99 -11.59
N SER B 425 61.12 55.83 -12.55
CA SER B 425 59.80 55.82 -13.16
C SER B 425 59.90 55.90 -14.68
N LEU B 426 60.79 55.09 -15.26
CA LEU B 426 60.99 55.12 -16.70
C LEU B 426 59.71 54.75 -17.44
N LEU B 427 59.47 55.41 -18.57
CA LEU B 427 58.35 55.11 -19.43
C LEU B 427 58.87 54.57 -20.75
N LYS B 428 57.96 54.21 -21.65
CA LYS B 428 58.34 53.70 -22.96
C LYS B 428 57.13 53.82 -23.89
N MET B 429 57.41 53.71 -25.19
CA MET B 429 56.34 53.73 -26.19
C MET B 429 56.78 52.85 -27.35
N THR B 430 56.35 51.58 -27.34
CA THR B 430 56.68 50.63 -28.38
C THR B 430 55.79 50.84 -29.60
N LEU B 431 55.97 50.01 -30.62
CA LEU B 431 55.30 50.19 -31.90
C LEU B 431 54.19 49.18 -32.18
N GLY B 432 54.48 47.88 -32.16
CA GLY B 432 53.56 46.93 -32.74
C GLY B 432 53.13 45.72 -31.94
N GLY B 433 53.56 45.61 -30.68
CA GLY B 433 53.03 44.56 -29.84
C GLY B 433 53.42 43.16 -30.23
N VAL B 434 54.68 42.80 -29.98
CA VAL B 434 55.24 41.50 -30.37
C VAL B 434 54.34 40.35 -29.91
N THR B 435 54.33 39.27 -30.69
CA THR B 435 53.46 38.13 -30.43
C THR B 435 54.16 37.17 -29.46
N LEU B 436 54.19 37.56 -28.19
CA LEU B 436 54.83 36.72 -27.18
C LEU B 436 54.19 35.34 -27.14
N THR B 437 55.02 34.32 -26.93
CA THR B 437 54.57 32.94 -26.92
C THR B 437 55.19 32.19 -25.74
N LEU B 438 55.18 32.82 -24.57
CA LEU B 438 55.66 32.16 -23.35
C LEU B 438 54.81 30.92 -23.09
N LEU B 439 55.42 29.74 -23.20
CA LEU B 439 54.72 28.47 -23.09
C LEU B 439 54.94 27.89 -21.70
N GLN B 440 53.89 27.90 -20.89
CA GLN B 440 53.92 27.34 -19.54
C GLN B 440 52.52 27.31 -18.95
N LEU B 451 60.69 27.83 -31.79
CA LEU B 451 60.90 29.04 -32.57
C LEU B 451 59.69 29.97 -32.48
N ALA B 452 58.78 29.64 -31.57
CA ALA B 452 57.65 30.52 -31.30
C ALA B 452 58.11 31.83 -30.68
N THR B 453 59.04 31.74 -29.72
CA THR B 453 59.71 32.93 -29.20
C THR B 453 60.51 33.65 -30.27
N HIS B 454 61.01 32.93 -31.28
CA HIS B 454 61.63 33.59 -32.42
C HIS B 454 60.60 34.35 -33.23
N PHE B 455 59.39 33.82 -33.36
CA PHE B 455 58.30 34.58 -33.98
C PHE B 455 57.96 35.82 -33.15
N PHE B 456 58.03 35.69 -31.82
CA PHE B 456 57.81 36.86 -30.96
C PHE B 456 58.88 37.91 -31.19
N THR B 457 60.14 37.49 -31.35
CA THR B 457 61.21 38.43 -31.66
C THR B 457 61.01 39.08 -33.04
N GLU B 458 60.58 38.29 -34.03
CA GLU B 458 60.29 38.86 -35.34
C GLU B 458 59.15 39.88 -35.27
N PHE B 459 58.15 39.61 -34.43
CA PHE B 459 57.08 40.57 -34.22
C PHE B 459 57.56 41.81 -33.47
N ASP B 460 58.51 41.65 -32.55
CA ASP B 460 59.19 42.79 -31.95
C ASP B 460 59.92 43.62 -33.00
N ALA B 461 60.49 42.97 -34.01
CA ALA B 461 60.99 43.71 -35.16
C ALA B 461 59.87 44.42 -35.88
N THR B 462 58.69 43.79 -35.95
CA THR B 462 57.50 44.47 -36.43
C THR B 462 56.97 45.44 -35.36
N LYS B 463 57.43 45.29 -34.12
CA LYS B 463 57.02 46.17 -33.04
C LYS B 463 58.11 47.20 -32.73
N PRO B 484 46.76 26.00 -33.82
CA PRO B 484 45.98 24.89 -33.27
C PRO B 484 46.02 24.85 -31.75
N CYS B 485 47.22 24.68 -31.20
CA CYS B 485 47.42 24.65 -29.75
C CYS B 485 48.84 25.12 -29.46
N SER B 486 49.14 25.30 -28.18
CA SER B 486 50.44 25.82 -27.74
C SER B 486 50.73 27.18 -28.37
N HIS B 487 49.66 27.92 -28.66
CA HIS B 487 49.75 29.20 -29.34
C HIS B 487 49.35 30.36 -28.43
N VAL B 488 49.76 30.32 -27.17
CA VAL B 488 49.53 31.43 -26.25
C VAL B 488 50.19 32.67 -26.85
N ARG B 489 49.39 33.68 -27.15
CA ARG B 489 49.90 34.86 -27.84
C ARG B 489 49.36 36.12 -27.19
N LEU B 490 50.26 36.98 -26.76
CA LEU B 490 49.89 38.32 -26.27
C LEU B 490 50.41 39.33 -27.29
N THR B 491 49.61 39.57 -28.32
CA THR B 491 49.98 40.41 -29.46
C THR B 491 48.96 41.54 -29.64
N GLY B 492 49.20 42.67 -28.98
CA GLY B 492 48.47 43.87 -29.35
C GLY B 492 49.01 44.42 -30.66
N THR B 493 48.21 44.33 -31.73
CA THR B 493 48.70 44.68 -33.06
C THR B 493 49.23 46.11 -33.09
N ALA B 494 48.47 47.06 -32.55
CA ALA B 494 48.91 48.44 -32.40
C ALA B 494 49.19 48.70 -30.93
N VAL B 495 50.39 48.33 -30.50
CA VAL B 495 50.75 48.42 -29.09
C VAL B 495 50.68 49.87 -28.61
N GLN B 496 49.81 50.11 -27.64
CA GLN B 496 49.76 51.37 -26.92
C GLN B 496 50.32 51.20 -25.51
N LEU B 497 51.34 50.37 -25.37
CA LEU B 497 51.88 50.06 -24.05
C LEU B 497 52.60 51.27 -23.48
N SER B 498 52.25 51.63 -22.25
CA SER B 498 52.91 52.71 -21.53
C SER B 498 53.53 52.08 -20.28
N TRP B 499 54.76 51.58 -20.42
CA TRP B 499 55.42 50.91 -19.32
C TRP B 499 55.74 51.91 -18.22
N GLU B 500 54.83 52.05 -17.25
CA GLU B 500 55.03 53.01 -16.18
C GLU B 500 56.31 52.73 -15.41
N LEU B 501 56.57 51.45 -15.11
CA LEU B 501 57.86 51.00 -14.58
C LEU B 501 58.31 51.84 -13.39
N ARG B 502 57.38 52.08 -12.46
CA ARG B 502 57.72 52.83 -11.26
C ARG B 502 58.54 51.95 -10.33
N THR B 503 59.86 51.95 -10.53
CA THR B 503 60.75 51.08 -9.79
C THR B 503 60.79 51.38 -8.30
N GLY B 504 60.26 52.52 -7.86
CA GLY B 504 60.25 52.87 -6.46
C GLY B 504 59.01 52.40 -5.73
N ARG B 508 61.87 46.48 -5.20
CA ARG B 508 60.54 46.98 -4.89
C ARG B 508 60.01 47.83 -6.05
N ARG B 509 59.92 47.23 -7.23
CA ARG B 509 59.54 47.92 -8.46
C ARG B 509 58.01 47.91 -8.58
N THR B 510 57.35 48.87 -7.94
CA THR B 510 55.89 48.97 -8.02
C THR B 510 55.55 49.44 -9.44
N THR B 511 55.71 48.51 -10.39
CA THR B 511 55.52 48.86 -11.79
C THR B 511 54.04 48.94 -12.13
N SER B 512 53.78 49.29 -13.39
CA SER B 512 52.42 49.41 -13.91
C SER B 512 52.52 49.50 -15.42
N MET B 513 51.40 49.25 -16.10
CA MET B 513 51.36 49.31 -17.55
C MET B 513 49.91 49.46 -18.00
N GLU B 514 49.63 50.53 -18.74
CA GLU B 514 48.29 50.79 -19.26
C GLU B 514 48.37 50.76 -20.80
N VAL B 515 47.54 49.93 -21.41
CA VAL B 515 47.53 49.76 -22.86
C VAL B 515 46.14 50.09 -23.37
N HIS B 516 46.04 50.34 -24.68
CA HIS B 516 44.76 50.61 -25.33
C HIS B 516 44.34 49.49 -26.28
N PHE B 517 45.02 48.34 -26.22
CA PHE B 517 44.74 47.20 -27.08
C PHE B 517 44.82 45.93 -26.26
N GLY B 518 44.48 44.81 -26.89
CA GLY B 518 44.43 43.54 -26.18
C GLY B 518 45.03 42.43 -26.99
N GLN B 519 45.30 41.32 -26.31
CA GLN B 519 45.98 40.17 -26.87
C GLN B 519 44.96 39.22 -27.51
N LEU B 520 45.43 38.03 -27.88
CA LEU B 520 44.56 36.96 -28.37
C LEU B 520 45.16 35.65 -27.86
N GLU B 521 44.65 35.18 -26.73
CA GLU B 521 45.31 34.16 -25.93
C GLU B 521 44.64 32.80 -26.15
N VAL B 522 45.13 32.10 -27.16
CA VAL B 522 44.80 30.68 -27.30
C VAL B 522 45.72 29.92 -26.37
N LEU B 523 45.29 29.75 -25.11
CA LEU B 523 46.11 29.11 -24.09
C LEU B 523 45.87 27.61 -24.13
N GLU B 524 46.94 26.86 -24.39
CA GLU B 524 46.79 25.45 -24.71
C GLU B 524 48.03 24.70 -24.23
N CYS B 525 48.22 23.49 -24.76
CA CYS B 525 49.26 22.58 -24.31
C CYS B 525 50.65 23.19 -24.44
N LEU B 526 51.63 22.49 -23.86
CA LEU B 526 53.03 22.91 -23.95
C LEU B 526 53.55 22.77 -25.38
N GLU B 535 41.30 21.73 -32.01
CA GLU B 535 39.85 21.66 -32.14
C GLU B 535 39.20 22.96 -31.70
N TYR B 536 39.98 24.05 -31.75
CA TYR B 536 39.53 25.37 -31.30
C TYR B 536 39.00 25.29 -29.87
N THR B 537 39.75 24.52 -29.06
CA THR B 537 39.32 24.17 -27.72
C THR B 537 39.88 25.09 -26.63
N GLU B 538 40.44 26.23 -27.01
CA GLU B 538 40.99 27.20 -26.06
C GLU B 538 40.27 28.54 -26.25
N ILE B 539 40.51 29.44 -25.30
CA ILE B 539 39.90 30.77 -25.34
C ILE B 539 40.39 31.49 -26.60
N LEU B 540 39.60 32.44 -27.08
CA LEU B 540 39.89 33.16 -28.32
C LEU B 540 39.63 34.65 -28.13
N THR B 541 40.11 35.19 -27.01
CA THR B 541 39.89 36.60 -26.68
C THR B 541 40.37 37.50 -27.81
N PHE B 542 39.55 38.48 -28.17
CA PHE B 542 39.89 39.38 -29.26
C PHE B 542 39.61 40.83 -28.88
N PRO B 543 40.03 41.25 -27.68
CA PRO B 543 39.86 42.66 -27.31
C PRO B 543 40.70 43.58 -28.18
N GLY B 544 40.05 44.57 -28.77
CA GLY B 544 40.73 45.49 -29.66
C GLY B 544 40.01 46.81 -29.84
N THR B 545 40.74 47.91 -29.79
CA THR B 545 40.16 49.22 -30.03
C THR B 545 40.16 49.55 -31.52
N ARG B 553 40.59 53.35 -26.50
CA ARG B 553 41.32 52.65 -25.46
C ARG B 553 40.39 51.79 -24.60
N PRO B 554 39.17 52.29 -24.38
CA PRO B 554 38.21 51.52 -23.56
C PRO B 554 37.89 50.16 -24.14
N CYS B 555 37.91 50.01 -25.46
CA CYS B 555 37.49 48.75 -26.09
C CYS B 555 38.33 47.58 -25.60
N ALA B 556 39.64 47.77 -25.54
CA ALA B 556 40.56 46.80 -24.93
C ALA B 556 41.49 47.55 -23.99
N HIS B 557 41.05 47.73 -22.74
CA HIS B 557 41.80 48.50 -21.77
C HIS B 557 42.64 47.53 -20.93
N LEU B 558 43.64 46.95 -21.57
CA LEU B 558 44.58 46.10 -20.85
C LEU B 558 45.36 46.93 -19.85
N ARG B 559 45.46 46.44 -18.61
CA ARG B 559 46.01 47.24 -17.52
C ARG B 559 46.76 46.37 -16.53
N HIS B 560 48.03 46.72 -16.27
CA HIS B 560 48.82 46.17 -15.18
C HIS B 560 49.08 44.68 -15.34
N THR B 561 49.60 44.30 -16.51
CA THR B 561 49.70 42.87 -16.86
C THR B 561 50.59 42.10 -15.89
N GLN B 562 51.74 42.67 -15.54
CA GLN B 562 52.71 41.97 -14.71
C GLN B 562 53.29 42.91 -13.67
N ILE B 563 53.64 42.36 -12.50
CA ILE B 563 54.37 43.10 -11.48
C ILE B 563 55.69 42.40 -11.13
N LEU B 564 55.60 41.17 -10.60
CA LEU B 564 56.77 40.37 -10.24
C LEU B 564 57.72 41.15 -9.32
N ARG B 565 57.15 41.93 -8.41
CA ARG B 565 57.91 42.81 -7.54
C ARG B 565 57.52 42.60 -6.08
N ARG B 566 58.53 42.61 -5.20
CA ARG B 566 58.30 42.34 -3.78
C ARG B 566 57.53 43.46 -3.10
N VAL B 567 57.40 44.61 -3.74
CA VAL B 567 56.67 45.74 -3.15
C VAL B 567 55.18 45.43 -3.18
N PRO B 568 54.64 45.01 -4.32
CA PRO B 568 53.18 44.72 -4.35
C PRO B 568 52.79 43.53 -3.49
N LYS B 569 53.50 42.41 -3.62
CA LYS B 569 53.27 41.23 -2.80
C LYS B 569 54.54 40.85 -2.05
N SER B 570 54.38 40.39 -0.82
CA SER B 570 55.51 39.96 -0.01
C SER B 570 55.04 39.08 1.15
N ALA B 577 54.51 32.74 -7.02
CA ALA B 577 55.57 32.85 -8.01
C ALA B 577 56.63 33.85 -7.55
N CYS B 578 56.70 34.99 -8.23
CA CYS B 578 57.63 36.06 -7.90
C CYS B 578 56.97 37.20 -7.14
N HIS B 579 55.97 36.88 -6.30
CA HIS B 579 55.29 37.86 -5.46
C HIS B 579 54.68 38.98 -6.31
N CYS B 580 53.77 38.60 -7.20
CA CYS B 580 53.21 39.56 -8.15
C CYS B 580 52.25 40.52 -7.47
N HIS B 581 51.19 39.99 -6.86
CA HIS B 581 50.02 40.79 -6.44
C HIS B 581 49.42 41.53 -7.63
N SER B 582 49.46 40.90 -8.80
CA SER B 582 49.12 41.58 -10.04
C SER B 582 47.61 41.80 -10.12
N GLU B 583 47.17 42.99 -9.70
CA GLU B 583 45.77 43.39 -9.85
C GLU B 583 45.57 43.78 -11.30
N LEU B 584 45.38 42.78 -12.16
CA LEU B 584 45.07 43.00 -13.56
C LEU B 584 43.58 43.30 -13.70
N ALA B 585 43.15 44.34 -12.99
CA ALA B 585 41.76 44.77 -13.01
C ALA B 585 41.49 45.51 -14.33
N LEU B 586 41.41 44.73 -15.40
CA LEU B 586 41.09 45.26 -16.72
C LEU B 586 39.65 45.76 -16.70
N ASP B 587 39.47 47.06 -16.92
CA ASP B 587 38.14 47.66 -16.91
C ASP B 587 37.87 48.21 -18.31
N LEU B 588 37.42 47.34 -19.20
CA LEU B 588 36.98 47.72 -20.54
C LEU B 588 35.49 48.00 -20.51
N ALA B 589 34.96 48.55 -21.61
CA ALA B 589 33.56 48.90 -21.68
C ALA B 589 32.96 48.67 -23.06
N ASN B 590 33.59 47.82 -23.89
CA ASN B 590 33.13 47.62 -25.25
C ASN B 590 33.05 46.14 -25.58
N PHE B 591 32.79 45.86 -26.86
CA PHE B 591 32.52 44.50 -27.30
C PHE B 591 33.54 43.50 -26.77
N GLN B 592 34.81 43.66 -27.16
CA GLN B 592 35.91 42.80 -26.69
C GLN B 592 35.51 41.33 -26.67
N ALA B 593 35.09 40.82 -27.84
CA ALA B 593 34.46 39.52 -27.88
C ALA B 593 35.43 38.39 -27.56
N ASP B 594 35.06 37.58 -26.57
CA ASP B 594 35.70 36.28 -26.31
C ASP B 594 34.89 35.23 -27.04
N VAL B 595 35.14 35.10 -28.35
CA VAL B 595 34.21 34.40 -29.23
C VAL B 595 34.03 32.94 -28.83
N GLU B 596 35.14 32.26 -28.51
CA GLU B 596 35.10 30.84 -28.20
C GLU B 596 35.84 30.56 -26.91
N LEU B 597 35.32 29.66 -26.09
CA LEU B 597 36.02 29.29 -24.88
C LEU B 597 35.79 27.82 -24.62
N GLY B 598 36.73 26.96 -25.01
CA GLY B 598 36.49 25.56 -24.82
C GLY B 598 36.33 25.12 -23.38
N ALA B 599 37.16 25.58 -22.43
CA ALA B 599 36.88 25.22 -21.03
C ALA B 599 37.39 26.09 -19.89
N LEU B 600 36.63 26.17 -18.78
CA LEU B 600 37.13 26.81 -17.56
C LEU B 600 38.28 26.06 -16.88
N ASP B 601 38.18 24.74 -16.81
CA ASP B 601 39.22 23.93 -16.18
C ASP B 601 40.57 23.98 -16.90
N ARG B 602 40.54 23.94 -18.22
CA ARG B 602 41.76 24.00 -19.00
C ARG B 602 42.39 25.33 -18.68
N LEU B 603 41.83 26.00 -17.68
CA LEU B 603 42.34 27.31 -17.29
C LEU B 603 42.92 27.29 -15.89
N ALA B 604 42.37 26.45 -15.01
CA ALA B 604 42.95 26.28 -13.68
C ALA B 604 44.23 25.47 -13.71
N ALA B 605 44.30 24.45 -14.57
CA ALA B 605 45.50 23.63 -14.67
C ALA B 605 46.69 24.42 -15.20
N LEU B 606 46.48 25.13 -16.32
CA LEU B 606 47.55 25.93 -16.92
C LEU B 606 47.99 27.09 -16.04
N LEU B 607 47.21 27.43 -15.01
CA LEU B 607 47.55 28.50 -14.08
C LEU B 607 48.21 27.99 -12.81
N ARG B 608 47.74 26.86 -12.27
CA ARG B 608 48.36 26.28 -11.09
C ARG B 608 49.61 25.49 -11.46
N LEU B 609 49.45 24.45 -12.26
CA LEU B 609 50.60 23.80 -12.87
C LEU B 609 51.06 24.63 -14.07
N ALA B 610 52.21 24.26 -14.62
CA ALA B 610 52.65 24.90 -15.85
C ALA B 610 51.64 24.63 -16.94
N THR B 611 51.58 23.39 -17.42
CA THR B 611 50.55 22.94 -18.33
C THR B 611 50.63 21.42 -18.46
N VAL B 612 49.48 20.76 -18.51
CA VAL B 612 49.45 19.32 -18.75
C VAL B 612 48.37 19.02 -19.78
N PRO B 613 48.27 19.81 -20.84
CA PRO B 613 47.39 19.45 -21.96
C PRO B 613 48.17 18.75 -23.06
N ALA B 614 47.49 18.31 -24.11
CA ALA B 614 48.14 17.67 -25.24
C ALA B 614 47.35 18.01 -26.50
N GLU B 615 47.63 17.30 -27.59
CA GLU B 615 46.89 17.51 -28.83
C GLU B 615 45.40 17.34 -28.65
N PRO B 616 44.91 16.32 -27.92
CA PRO B 616 43.51 16.04 -27.55
C PRO B 616 42.53 16.13 -28.72
N GLU B 629 54.23 34.29 -3.81
CA GLU B 629 53.03 34.34 -3.00
C GLU B 629 52.06 35.40 -3.53
N GLN B 630 51.86 35.43 -4.84
CA GLN B 630 51.00 36.43 -5.44
C GLN B 630 49.53 36.12 -5.16
N GLN B 631 48.70 37.16 -5.26
CA GLN B 631 47.25 37.03 -5.14
C GLN B 631 46.64 37.71 -6.37
N THR B 632 46.48 36.93 -7.44
CA THR B 632 45.96 37.46 -8.70
C THR B 632 44.51 37.86 -8.50
N VAL B 633 44.27 39.16 -8.41
CA VAL B 633 42.92 39.70 -8.28
C VAL B 633 42.55 40.21 -9.67
N PHE B 634 41.62 39.51 -10.32
CA PHE B 634 41.30 39.77 -11.71
C PHE B 634 39.88 40.33 -11.77
N ARG B 635 39.76 41.65 -11.84
CA ARG B 635 38.47 42.34 -11.84
C ARG B 635 38.13 42.81 -13.24
N LEU B 636 36.83 42.84 -13.55
CA LEU B 636 36.36 43.20 -14.88
C LEU B 636 34.91 43.69 -14.77
N SER B 637 34.71 45.00 -14.99
CA SER B 637 33.37 45.60 -14.99
C SER B 637 33.15 46.37 -16.29
N ALA B 638 31.98 46.21 -16.88
CA ALA B 638 31.61 46.90 -18.10
C ALA B 638 30.10 46.87 -18.24
N PRO B 639 29.52 47.79 -19.01
CA PRO B 639 28.11 47.64 -19.40
C PRO B 639 27.92 46.60 -20.49
N ARG B 640 28.88 46.53 -21.42
CA ARG B 640 28.76 45.65 -22.57
C ARG B 640 30.11 44.99 -22.84
N ALA B 641 30.12 43.66 -22.92
CA ALA B 641 31.26 42.90 -23.40
C ALA B 641 30.78 41.55 -23.91
N THR B 642 30.72 41.40 -25.24
CA THR B 642 30.24 40.16 -25.84
C THR B 642 31.05 38.97 -25.31
N LEU B 643 30.38 37.88 -24.95
CA LEU B 643 31.08 36.75 -24.33
C LEU B 643 30.47 35.38 -24.57
N ARG B 644 31.30 34.33 -24.53
CA ARG B 644 30.80 32.95 -24.63
C ARG B 644 31.27 32.17 -23.43
N LEU B 645 30.38 31.44 -22.77
CA LEU B 645 30.81 30.60 -21.68
C LEU B 645 30.51 29.15 -22.00
N ARG B 646 31.50 28.29 -21.84
CA ARG B 646 31.34 26.88 -22.13
C ARG B 646 31.84 26.15 -20.93
N PHE B 647 31.24 25.02 -20.61
CA PHE B 647 31.62 24.34 -19.39
C PHE B 647 32.92 23.62 -19.49
N PRO B 648 33.43 23.21 -18.33
CA PRO B 648 34.63 22.38 -18.42
C PRO B 648 34.36 20.89 -18.27
N ILE B 649 34.59 20.12 -19.33
CA ILE B 649 34.55 18.66 -19.29
C ILE B 649 35.85 18.16 -19.89
N ALA B 650 36.85 17.91 -19.04
CA ALA B 650 38.18 17.54 -19.48
C ALA B 650 38.48 16.09 -19.09
N ASP B 651 39.28 15.43 -19.94
CA ASP B 651 39.64 14.04 -19.69
C ASP B 651 40.45 13.91 -18.40
N LEU B 652 41.36 14.85 -18.14
CA LEU B 652 42.22 14.74 -16.97
C LEU B 652 41.44 14.91 -15.67
N ARG B 653 40.40 15.73 -15.67
CA ARG B 653 39.59 15.94 -14.47
C ARG B 653 38.19 16.45 -14.83
N GLY B 661 30.86 17.47 -32.22
CA GLY B 661 30.49 17.48 -30.82
C GLY B 661 31.42 18.30 -29.95
N GLN B 662 31.12 18.35 -28.65
CA GLN B 662 31.93 19.10 -27.70
C GLN B 662 31.62 18.55 -26.31
N ALA B 663 31.96 19.35 -25.29
CA ALA B 663 31.62 19.00 -23.92
C ALA B 663 30.11 18.82 -23.78
N VAL B 664 29.71 17.80 -23.02
CA VAL B 664 28.29 17.47 -22.89
C VAL B 664 27.54 18.61 -22.23
N ARG B 665 28.11 19.17 -21.16
CA ARG B 665 27.38 20.11 -20.31
C ARG B 665 27.02 21.39 -21.06
N ALA B 666 25.75 21.77 -20.98
CA ALA B 666 25.24 23.05 -21.45
C ALA B 666 25.65 23.31 -22.91
N GLU B 667 25.10 22.47 -23.79
CA GLU B 667 25.39 22.56 -25.22
C GLU B 667 25.03 23.95 -25.75
N GLN B 668 25.99 24.58 -26.42
CA GLN B 668 25.79 25.88 -27.08
C GLN B 668 25.40 26.97 -26.09
N LEU B 669 26.05 26.99 -24.94
CA LEU B 669 25.72 27.98 -23.92
C LEU B 669 26.38 29.30 -24.18
N ARG B 670 25.62 30.37 -24.43
CA ARG B 670 26.30 31.69 -24.54
C ARG B 670 25.80 32.83 -23.66
N LEU B 671 26.66 33.43 -22.86
CA LEU B 671 26.23 34.61 -22.17
C LEU B 671 26.58 35.70 -23.17
N GLU B 672 25.81 35.81 -24.24
CA GLU B 672 26.07 36.82 -25.27
C GLU B 672 25.89 38.28 -24.79
N LEU B 673 26.74 39.20 -25.27
CA LEU B 673 26.63 40.64 -24.93
C LEU B 673 26.14 40.93 -23.55
N SER B 674 26.48 40.09 -22.61
CA SER B 674 26.15 40.37 -21.23
C SER B 674 27.12 41.42 -20.66
N GLU B 675 27.03 41.63 -19.35
CA GLU B 675 28.04 42.42 -18.69
C GLU B 675 29.38 41.69 -18.78
N PRO B 676 30.50 42.41 -18.75
CA PRO B 676 31.80 41.74 -18.96
C PRO B 676 32.04 40.59 -18.01
N GLN B 677 31.98 40.83 -16.70
CA GLN B 677 32.03 39.76 -15.72
C GLN B 677 33.27 38.87 -15.78
N PHE B 678 33.08 37.58 -15.53
CA PHE B 678 34.15 36.58 -15.62
C PHE B 678 35.44 37.11 -14.95
N ARG B 679 35.23 37.59 -13.74
CA ARG B 679 36.29 38.18 -12.94
C ARG B 679 36.71 37.00 -12.07
N SER B 680 38.02 36.81 -11.92
CA SER B 680 38.56 35.62 -11.29
C SER B 680 39.50 36.03 -10.15
N GLU B 681 40.00 35.02 -9.45
CA GLU B 681 41.00 35.20 -8.40
C GLU B 681 41.74 33.90 -8.24
N LEU B 682 43.00 33.87 -8.66
CA LEU B 682 43.75 32.62 -8.72
C LEU B 682 45.07 32.71 -7.99
N SER B 683 45.89 31.67 -8.10
CA SER B 683 47.19 31.63 -7.44
C SER B 683 48.11 30.72 -8.24
N SER B 684 49.42 30.95 -8.10
CA SER B 684 50.39 30.21 -8.89
C SER B 684 50.49 28.75 -8.45
N GLY B 685 50.49 28.51 -7.15
CA GLY B 685 50.67 27.17 -6.63
C GLY B 685 49.48 26.27 -6.88
N PRO B 686 49.74 25.01 -7.19
CA PRO B 686 48.64 24.05 -7.35
C PRO B 686 48.00 23.73 -6.01
N GLY B 687 46.71 23.40 -6.06
CA GLY B 687 45.94 23.15 -4.86
C GLY B 687 45.96 24.35 -3.94
N PRO B 688 45.28 25.42 -4.33
CA PRO B 688 45.36 26.68 -3.59
C PRO B 688 44.87 26.52 -2.17
N PRO B 689 45.74 26.79 -1.18
CA PRO B 689 45.29 26.71 0.22
C PRO B 689 44.13 27.64 0.52
N VAL B 690 44.12 28.84 -0.06
CA VAL B 690 42.99 29.75 0.04
C VAL B 690 41.97 29.36 -1.03
N PRO B 691 40.67 29.55 -0.79
CA PRO B 691 39.68 29.17 -1.81
C PRO B 691 39.75 30.09 -3.02
N THR B 692 39.19 29.59 -4.13
CA THR B 692 39.16 30.29 -5.40
C THR B 692 37.73 30.75 -5.67
N HIS B 693 37.54 32.04 -5.91
CA HIS B 693 36.22 32.59 -6.19
C HIS B 693 36.10 32.96 -7.67
N LEU B 694 34.86 33.00 -8.15
CA LEU B 694 34.56 33.39 -9.53
C LEU B 694 33.16 33.99 -9.51
N GLU B 695 33.08 35.31 -9.54
CA GLU B 695 31.82 36.00 -9.36
C GLU B 695 31.26 36.45 -10.71
N LEU B 696 30.11 37.11 -10.66
CA LEU B 696 29.39 37.57 -11.85
C LEU B 696 28.27 38.47 -11.37
N THR B 697 27.92 39.45 -12.19
CA THR B 697 26.77 40.31 -11.91
C THR B 697 26.23 40.83 -13.24
N CYS B 698 24.92 41.01 -13.30
CA CYS B 698 24.28 41.49 -14.51
C CYS B 698 22.89 42.00 -14.17
N SER B 699 22.51 43.13 -14.77
CA SER B 699 21.21 43.73 -14.48
C SER B 699 20.07 43.01 -15.21
N ASP B 700 20.09 43.07 -16.54
CA ASP B 700 19.12 42.38 -17.38
C ASP B 700 19.81 41.75 -18.58
N LEU B 701 20.95 41.09 -18.33
CA LEU B 701 21.80 40.61 -19.41
C LEU B 701 21.04 39.68 -20.35
N HIS B 702 21.21 39.91 -21.65
CA HIS B 702 20.51 39.15 -22.68
C HIS B 702 21.39 37.96 -23.08
N GLY B 703 21.57 37.04 -22.14
CA GLY B 703 22.38 35.87 -22.37
C GLY B 703 21.61 34.70 -22.94
N ILE B 704 21.75 34.47 -24.25
CA ILE B 704 21.08 33.35 -24.91
C ILE B 704 21.73 32.04 -24.45
N TYR B 705 21.05 31.32 -23.56
CA TYR B 705 21.62 30.14 -22.93
C TYR B 705 21.14 28.87 -23.61
N GLU B 706 22.06 27.93 -23.80
CA GLU B 706 21.77 26.60 -24.35
C GLU B 706 21.15 26.67 -25.74
N ASP B 707 21.37 27.79 -26.45
CA ASP B 707 20.83 27.95 -27.79
C ASP B 707 21.68 27.20 -28.81
N PRO B 712 15.52 25.21 -29.62
CA PRO B 712 16.44 26.33 -29.88
C PRO B 712 16.12 27.55 -29.02
N VAL B 713 17.00 28.54 -29.09
CA VAL B 713 16.85 29.85 -28.44
C VAL B 713 17.01 29.70 -26.93
N PRO B 714 17.28 30.77 -26.19
CA PRO B 714 17.52 30.64 -24.75
C PRO B 714 16.33 30.04 -24.01
N CYS B 715 16.64 29.23 -23.00
CA CYS B 715 15.63 28.85 -22.02
C CYS B 715 15.32 30.02 -21.09
N LEU B 716 16.27 30.93 -20.92
CA LEU B 716 16.11 32.17 -20.17
C LEU B 716 16.89 33.25 -20.91
N ARG B 717 16.23 34.36 -21.24
CA ARG B 717 16.78 35.28 -22.23
C ARG B 717 17.16 36.64 -21.64
N VAL B 718 16.87 36.88 -20.36
CA VAL B 718 17.20 38.16 -19.75
C VAL B 718 17.12 38.04 -18.23
N SER B 719 18.01 38.73 -17.53
CA SER B 719 17.97 38.70 -16.07
C SER B 719 16.78 39.45 -15.50
N LYS B 720 16.28 40.47 -16.20
CA LYS B 720 14.95 41.05 -15.99
C LYS B 720 14.58 41.26 -14.53
N ALA B 721 15.54 41.68 -13.71
CA ALA B 721 15.35 41.72 -12.26
C ALA B 721 15.12 43.17 -11.82
N LEU B 722 13.85 43.56 -11.73
CA LEU B 722 13.43 44.80 -11.09
C LEU B 722 12.82 44.43 -9.74
N ASP B 723 13.69 44.18 -8.75
CA ASP B 723 13.27 43.66 -7.45
C ASP B 723 13.89 44.47 -6.32
N PRO B 724 13.39 45.67 -6.05
CA PRO B 724 13.87 46.42 -4.87
C PRO B 724 13.49 45.72 -3.58
N LYS B 725 14.46 45.60 -2.68
CA LYS B 725 14.27 44.83 -1.45
C LYS B 725 14.46 45.65 -0.19
N SER B 726 15.54 46.40 -0.08
CA SER B 726 15.91 47.06 1.16
C SER B 726 15.11 48.34 1.37
N THR B 727 15.26 48.92 2.57
CA THR B 727 14.65 50.21 2.86
C THR B 727 15.18 51.30 1.94
N GLY B 728 16.50 51.29 1.70
CA GLY B 728 17.08 52.21 0.74
C GLY B 728 16.82 51.77 -0.68
N ARG B 729 17.12 52.68 -1.62
CA ARG B 729 16.91 52.41 -3.04
C ARG B 729 17.84 51.31 -3.52
N LYS B 730 17.28 50.13 -3.80
CA LYS B 730 18.06 48.97 -4.24
C LYS B 730 17.47 48.42 -5.53
N TYR B 731 18.34 47.85 -6.36
CA TYR B 731 17.93 47.16 -7.57
C TYR B 731 18.65 45.83 -7.65
N PHE B 732 17.93 44.76 -7.31
CA PHE B 732 18.51 43.43 -7.28
C PHE B 732 18.87 42.97 -8.70
N LEU B 733 19.90 42.13 -8.77
CA LEU B 733 20.45 41.71 -10.05
C LEU B 733 20.89 40.25 -9.92
N PRO B 734 21.19 39.59 -11.04
CA PRO B 734 21.62 38.19 -10.98
C PRO B 734 23.11 38.05 -10.72
N GLN B 735 23.51 36.82 -10.43
CA GLN B 735 24.91 36.50 -10.16
C GLN B 735 25.10 34.99 -10.30
N VAL B 736 26.29 34.61 -10.76
CA VAL B 736 26.65 33.20 -10.93
C VAL B 736 27.97 33.01 -10.19
N VAL B 737 27.91 32.64 -8.92
CA VAL B 737 29.08 32.57 -8.06
C VAL B 737 29.66 31.17 -8.13
N VAL B 738 30.98 31.07 -7.93
CA VAL B 738 31.69 29.80 -7.86
C VAL B 738 32.71 29.89 -6.73
N THR B 739 32.82 28.82 -5.96
CA THR B 739 33.73 28.76 -4.81
C THR B 739 34.36 27.37 -4.78
N VAL B 740 35.59 27.27 -5.27
CA VAL B 740 36.31 26.00 -5.35
C VAL B 740 37.25 25.90 -4.16
N ASN B 741 37.22 24.74 -3.49
CA ASN B 741 38.11 24.44 -2.39
C ASN B 741 39.09 23.35 -2.77
N PRO B 742 40.28 23.31 -2.18
CA PRO B 742 41.26 22.29 -2.56
C PRO B 742 40.76 20.89 -2.28
N GLN B 743 41.13 19.96 -3.15
CA GLN B 743 40.77 18.56 -2.98
C GLN B 743 41.45 17.99 -1.74
N SER B 744 40.73 17.11 -1.05
CA SER B 744 41.21 16.49 0.19
C SER B 744 41.63 17.55 1.21
N SER B 745 40.87 18.63 1.27
CA SER B 745 41.15 19.69 2.23
C SER B 745 40.82 19.22 3.64
N SER B 746 41.70 19.57 4.58
CA SER B 746 41.57 19.18 5.98
C SER B 746 41.45 17.67 6.14
N ASP B 794 11.30 22.56 4.49
CA ASP B 794 12.25 22.51 5.59
C ASP B 794 13.08 23.79 5.66
N PRO B 795 12.57 24.79 6.39
CA PRO B 795 13.31 26.04 6.52
C PRO B 795 14.70 25.88 7.14
N GLU B 796 14.85 24.96 8.09
CA GLU B 796 16.12 24.76 8.78
C GLU B 796 16.83 23.48 8.40
N GLU B 797 16.10 22.41 8.09
CA GLU B 797 16.75 21.16 7.71
C GLU B 797 17.38 21.26 6.32
N MET B 798 16.57 21.61 5.32
CA MET B 798 17.07 21.68 3.95
C MET B 798 18.12 22.77 3.79
N ARG B 799 17.96 23.89 4.49
CA ARG B 799 18.94 24.97 4.41
C ARG B 799 20.27 24.55 5.02
N THR B 800 20.24 24.04 6.25
CA THR B 800 21.48 23.69 6.95
C THR B 800 22.18 22.51 6.29
N PHE B 801 21.41 21.53 5.80
CA PHE B 801 22.03 20.37 5.15
C PHE B 801 22.86 20.79 3.96
N GLN B 802 22.31 21.62 3.10
CA GLN B 802 23.07 22.03 1.93
C GLN B 802 24.05 23.17 2.22
N SER B 803 23.90 23.89 3.34
CA SER B 803 24.98 24.75 3.78
C SER B 803 26.20 23.92 4.18
N ARG B 804 25.98 22.84 4.92
CA ARG B 804 27.07 21.92 5.25
C ARG B 804 27.65 21.30 3.98
N THR B 805 26.79 20.96 3.01
CA THR B 805 27.28 20.45 1.74
C THR B 805 28.03 21.50 0.94
N LEU B 806 27.76 22.78 1.14
CA LEU B 806 28.49 23.86 0.49
C LEU B 806 29.81 24.16 1.18
N ALA B 807 29.93 23.83 2.47
CA ALA B 807 31.22 23.94 3.14
C ALA B 807 32.23 22.92 2.66
N LEU B 808 31.80 21.92 1.90
CA LEU B 808 32.67 20.89 1.33
C LEU B 808 32.59 21.02 -0.20
N SER B 809 33.71 21.36 -0.83
CA SER B 809 33.73 21.71 -2.24
C SER B 809 34.74 20.86 -3.00
N ARG B 810 34.28 20.17 -4.05
CA ARG B 810 35.15 19.68 -5.09
C ARG B 810 34.75 20.25 -6.45
N CYS B 811 33.60 20.91 -6.52
CA CYS B 811 33.14 21.77 -7.61
C CYS B 811 32.11 22.70 -6.98
N SER B 812 31.38 23.45 -7.80
CA SER B 812 30.29 24.26 -7.29
C SER B 812 29.46 24.81 -8.46
N LEU B 813 28.41 25.54 -8.11
CA LEU B 813 27.57 26.37 -8.96
C LEU B 813 26.60 27.08 -8.04
N GLU B 814 26.27 28.32 -8.38
CA GLU B 814 25.39 29.11 -7.54
C GLU B 814 24.72 30.17 -8.39
N VAL B 815 23.44 30.41 -8.11
CA VAL B 815 22.67 31.46 -8.80
C VAL B 815 21.81 32.16 -7.77
N ILE B 816 21.68 33.48 -7.93
CA ILE B 816 20.72 34.28 -7.17
C ILE B 816 19.95 35.14 -8.16
N LEU B 817 18.80 34.65 -8.60
CA LEU B 817 18.02 35.35 -9.61
C LEU B 817 16.81 35.99 -8.95
N PRO B 818 16.77 37.30 -8.78
CA PRO B 818 15.68 37.92 -8.01
C PRO B 818 14.33 37.78 -8.68
N SER B 819 14.27 38.19 -9.95
CA SER B 819 13.03 38.10 -10.70
C SER B 819 13.25 37.69 -12.15
N VAL B 820 14.33 36.97 -12.45
CA VAL B 820 14.64 36.63 -13.84
C VAL B 820 13.46 35.94 -14.49
N HIS B 821 13.15 34.72 -14.06
CA HIS B 821 11.91 34.02 -14.43
C HIS B 821 11.71 33.97 -15.94
N ILE B 822 12.77 34.27 -16.69
CA ILE B 822 12.62 34.65 -18.09
C ILE B 822 12.69 33.41 -18.96
N PHE B 823 12.16 33.57 -20.17
CA PHE B 823 12.31 32.59 -21.23
C PHE B 823 12.08 33.29 -22.56
N LEU B 824 12.87 32.92 -23.56
CA LEU B 824 12.71 33.51 -24.87
C LEU B 824 11.36 33.10 -25.45
N PRO B 825 10.81 33.90 -26.38
CA PRO B 825 9.55 33.49 -27.02
C PRO B 825 9.63 32.11 -27.65
N SER B 826 10.80 31.73 -28.15
CA SER B 826 11.08 30.35 -28.55
C SER B 826 11.76 29.66 -27.38
N LYS B 827 10.97 28.97 -26.54
CA LYS B 827 11.51 28.23 -25.41
C LYS B 827 10.50 27.18 -25.00
N GLU B 828 10.96 26.22 -24.20
CA GLU B 828 10.12 25.14 -23.71
C GLU B 828 10.66 24.63 -22.38
N VAL B 829 10.02 25.05 -21.29
CA VAL B 829 10.39 24.52 -19.97
C VAL B 829 10.06 23.04 -19.87
N TYR B 830 8.96 22.61 -20.51
CA TYR B 830 8.56 21.22 -20.44
C TYR B 830 9.58 20.30 -21.10
N GLU B 831 10.13 20.69 -22.25
CA GLU B 831 10.97 19.82 -23.04
C GLU B 831 12.43 20.21 -23.08
N SER B 832 12.76 21.45 -23.46
CA SER B 832 14.15 21.84 -23.66
C SER B 832 14.92 21.83 -22.36
N ILE B 833 14.32 22.35 -21.27
CA ILE B 833 15.00 22.36 -19.98
C ILE B 833 15.33 20.93 -19.55
N TYR B 834 14.36 20.03 -19.68
CA TYR B 834 14.61 18.61 -19.41
C TYR B 834 15.74 18.08 -20.27
N ASN B 835 15.73 18.39 -21.56
CA ASN B 835 16.64 17.74 -22.49
C ASN B 835 18.07 18.24 -22.30
N ARG B 836 18.24 19.45 -21.78
CA ARG B 836 19.60 19.97 -21.61
C ARG B 836 20.02 20.14 -20.16
N ILE B 837 19.30 20.95 -19.38
CA ILE B 837 19.80 21.36 -18.07
C ILE B 837 19.60 20.28 -17.00
N ASN B 838 19.04 19.14 -17.37
CA ASN B 838 18.92 18.00 -16.45
C ASN B 838 19.80 16.83 -16.88
N ASN B 839 20.03 16.66 -18.18
CA ASN B 839 20.96 15.63 -18.63
C ASN B 839 22.39 16.12 -18.52
N ASP B 840 22.71 17.23 -19.18
CA ASP B 840 24.05 17.81 -19.16
C ASP B 840 24.24 18.73 -17.96
N LEU B 841 24.01 18.22 -16.75
CA LEU B 841 24.07 19.02 -15.54
C LEU B 841 25.21 18.62 -14.63
N LEU B 842 25.30 17.34 -14.24
CA LEU B 842 26.33 16.89 -13.32
C LEU B 842 27.41 16.04 -13.98
N MET B 843 27.16 15.53 -15.18
CA MET B 843 28.15 14.70 -15.87
C MET B 843 29.05 15.56 -16.74
N TRP B 844 29.79 16.44 -16.08
CA TRP B 844 30.74 17.33 -16.73
C TRP B 844 32.11 17.21 -16.09
N GLU B 845 32.49 15.97 -15.76
CA GLU B 845 33.72 15.67 -15.05
C GLU B 845 33.83 16.48 -13.76
N PRO B 846 32.84 16.38 -12.87
CA PRO B 846 32.86 17.21 -11.66
C PRO B 846 33.94 16.77 -10.69
N ALA B 847 35.04 17.53 -10.66
CA ALA B 847 36.16 17.32 -9.74
C ALA B 847 37.11 18.50 -9.89
N ASP B 848 37.67 18.95 -8.77
CA ASP B 848 38.62 20.04 -8.79
C ASP B 848 39.46 20.00 -7.51
N LEU B 849 40.59 20.70 -7.55
CA LEU B 849 41.48 20.78 -6.41
C LEU B 849 41.73 22.23 -6.03
N SER B 924 33.59 13.96 -5.92
CA SER B 924 32.76 14.94 -6.62
C SER B 924 31.79 15.57 -5.64
N THR B 925 32.28 15.87 -4.44
CA THR B 925 31.49 16.54 -3.41
C THR B 925 31.36 18.01 -3.80
N PHE B 926 30.24 18.35 -4.41
CA PHE B 926 29.95 19.75 -4.73
C PHE B 926 28.58 20.15 -4.22
N SER B 927 28.12 21.34 -4.60
CA SER B 927 26.81 21.83 -4.16
C SER B 927 26.19 22.64 -5.29
N THR B 928 25.01 23.20 -5.02
CA THR B 928 24.22 23.92 -6.01
C THR B 928 23.06 24.59 -5.29
N LEU B 929 22.77 25.83 -5.68
CA LEU B 929 21.65 26.56 -5.10
C LEU B 929 20.98 27.42 -6.17
N VAL B 930 19.70 27.70 -5.95
CA VAL B 930 18.95 28.66 -6.75
C VAL B 930 18.07 29.44 -5.77
N THR B 931 17.69 30.65 -6.16
CA THR B 931 16.86 31.51 -5.31
C THR B 931 16.14 32.48 -6.22
N VAL B 932 14.81 32.46 -6.19
CA VAL B 932 13.97 33.31 -7.03
C VAL B 932 12.87 33.91 -6.17
N LEU B 933 12.65 35.21 -6.32
CA LEU B 933 11.53 35.87 -5.67
C LEU B 933 10.28 35.90 -6.55
N LYS B 934 10.42 35.61 -7.84
CA LYS B 934 9.29 35.52 -8.75
C LYS B 934 9.71 34.64 -9.92
N GLY B 935 8.84 33.72 -10.33
CA GLY B 935 9.19 32.76 -11.36
C GLY B 935 8.10 32.64 -12.40
N ARG B 936 8.53 32.32 -13.62
CA ARG B 936 7.62 32.13 -14.74
C ARG B 936 8.05 30.91 -15.53
N ILE B 937 7.24 29.86 -15.51
CA ILE B 937 7.45 28.65 -16.28
C ILE B 937 6.72 28.83 -17.61
N THR B 938 7.39 29.44 -18.58
CA THR B 938 6.79 29.75 -19.88
C THR B 938 6.62 28.47 -20.69
N ALA B 939 5.84 28.55 -21.75
CA ALA B 939 5.64 27.42 -22.64
C ALA B 939 5.96 27.80 -24.09
N LEU B 958 0.97 25.51 -17.08
CA LEU B 958 1.66 26.78 -17.23
C LEU B 958 1.54 27.65 -15.98
N VAL B 959 1.08 27.05 -14.88
CA VAL B 959 0.91 27.78 -13.64
C VAL B 959 2.24 27.85 -12.90
N LEU B 960 3.02 28.92 -13.16
CA LEU B 960 4.28 29.08 -12.45
C LEU B 960 4.06 29.40 -10.98
N ASP B 961 3.24 30.42 -10.70
CA ASP B 961 2.83 30.82 -9.36
C ASP B 961 4.01 31.06 -8.42
N MET B 962 5.21 31.24 -8.97
CA MET B 962 6.44 31.10 -8.20
C MET B 962 6.79 32.39 -7.48
N GLU B 963 6.94 32.31 -6.17
CA GLU B 963 7.44 33.39 -5.34
C GLU B 963 8.20 32.78 -4.17
N HIS B 964 9.45 33.19 -3.99
CA HIS B 964 10.33 32.63 -2.95
C HIS B 964 10.54 31.13 -3.16
N GLY B 965 11.13 30.76 -4.31
CA GLY B 965 11.41 29.38 -4.60
C GLY B 965 12.89 29.11 -4.85
N THR B 966 13.28 27.85 -4.68
CA THR B 966 14.67 27.43 -4.81
C THR B 966 14.75 26.08 -5.50
N LEU B 967 15.98 25.67 -5.80
CA LEU B 967 16.29 24.32 -6.27
C LEU B 967 17.65 23.92 -5.74
N PHE B 968 17.78 22.65 -5.37
CA PHE B 968 18.96 22.15 -4.67
C PHE B 968 19.51 20.93 -5.39
N SER B 969 20.77 20.59 -5.08
CA SER B 969 21.41 19.36 -5.54
C SER B 969 22.74 19.17 -4.81
N VAL B 970 23.06 17.91 -4.52
CA VAL B 970 24.32 17.53 -3.90
C VAL B 970 24.81 16.26 -4.59
N SER B 971 26.10 15.94 -4.40
CA SER B 971 26.70 14.71 -4.89
C SER B 971 27.68 14.20 -3.85
N GLN B 972 27.54 12.93 -3.48
CA GLN B 972 28.47 12.24 -2.59
C GLN B 972 28.57 12.96 -1.24
N TYR B 973 27.43 13.01 -0.55
CA TYR B 973 27.38 13.61 0.79
C TYR B 973 28.33 12.86 1.73
N CYS B 974 29.09 13.62 2.50
CA CYS B 974 30.11 13.13 3.42
C CYS B 974 31.16 12.25 2.75
N GLY B 975 31.24 12.28 1.42
CA GLY B 975 32.27 11.54 0.71
C GLY B 975 31.82 10.22 0.13
N GLN B 976 30.73 9.64 0.63
CA GLN B 976 30.27 8.34 0.15
C GLN B 976 29.34 8.52 -1.04
N PRO B 977 29.63 7.93 -2.20
CA PRO B 977 28.69 8.00 -3.32
C PRO B 977 27.34 7.40 -2.94
N GLY B 978 26.28 8.04 -3.45
CA GLY B 978 24.91 7.60 -3.20
C GLY B 978 24.16 8.41 -2.18
N LEU B 979 24.85 9.26 -1.42
CA LEU B 979 24.22 10.09 -0.40
C LEU B 979 24.16 11.53 -0.90
N GLY B 980 22.97 12.13 -0.79
CA GLY B 980 22.76 13.47 -1.29
C GLY B 980 21.55 14.09 -0.64
N TYR B 981 21.33 15.37 -0.94
CA TYR B 981 20.21 16.13 -0.40
C TYR B 981 19.59 16.94 -1.52
N PHE B 982 18.54 16.40 -2.14
CA PHE B 982 17.77 17.11 -3.15
C PHE B 982 16.56 17.73 -2.44
N CYS B 983 16.28 18.99 -2.73
CA CYS B 983 15.21 19.70 -2.04
C CYS B 983 14.54 20.66 -3.01
N LEU B 984 13.49 21.31 -2.51
CA LEU B 984 12.71 22.28 -3.28
C LEU B 984 11.78 22.98 -2.30
N GLU B 985 11.60 24.29 -2.47
CA GLU B 985 10.68 25.06 -1.64
C GLU B 985 10.02 26.13 -2.50
N ALA B 986 8.83 26.56 -2.08
CA ALA B 986 8.18 27.71 -2.68
C ALA B 986 6.99 28.13 -1.83
N GLU B 987 6.22 29.08 -2.36
CA GLU B 987 4.95 29.52 -1.79
C GLU B 987 4.15 30.07 -2.96
N LYS B 988 3.09 29.37 -3.31
CA LYS B 988 2.43 29.54 -4.60
C LYS B 988 0.93 29.55 -4.44
N ALA B 989 0.24 30.06 -5.47
CA ALA B 989 -1.20 29.86 -5.54
C ALA B 989 -1.48 28.54 -6.26
N THR B 990 -2.45 27.79 -5.74
CA THR B 990 -2.52 26.36 -6.00
C THR B 990 -2.72 26.04 -7.49
N LEU B 991 -3.89 26.35 -8.03
CA LEU B 991 -4.26 25.82 -9.35
C LEU B 991 -4.64 26.98 -10.26
N TYR B 992 -3.79 27.21 -11.27
CA TYR B 992 -4.06 28.13 -12.38
C TYR B 992 -4.01 27.38 -13.70
N HIS B 993 -5.12 27.44 -14.44
CA HIS B 993 -5.25 26.66 -15.66
C HIS B 993 -4.50 27.32 -16.81
N ARG B 994 -4.72 26.80 -18.02
CA ARG B 994 -4.03 27.24 -19.22
C ARG B 994 -4.99 27.14 -20.41
N ALA B 995 -4.42 27.31 -21.60
CA ALA B 995 -5.21 27.34 -22.83
C ALA B 995 -5.71 25.96 -23.22
N GLN B 1016 -8.26 28.88 -21.89
CA GLN B 1016 -7.59 30.02 -21.28
C GLN B 1016 -8.14 30.28 -19.90
N LEU B 1017 -7.60 31.32 -19.24
CA LEU B 1017 -8.01 31.78 -17.91
C LEU B 1017 -7.55 30.82 -16.83
N ALA B 1018 -7.22 31.36 -15.66
CA ALA B 1018 -6.69 30.53 -14.58
C ALA B 1018 -7.82 29.89 -13.79
N PRO B 1019 -7.60 28.69 -13.26
CA PRO B 1019 -8.59 28.12 -12.31
C PRO B 1019 -8.78 28.96 -11.05
N THR B 1020 -7.72 29.60 -10.56
CA THR B 1020 -7.71 30.55 -9.44
C THR B 1020 -8.02 29.89 -8.11
N ILE B 1021 -7.57 28.65 -7.91
CA ILE B 1021 -7.74 27.90 -6.66
C ILE B 1021 -6.87 28.52 -5.57
N TYR B 1022 -7.02 28.02 -4.34
CA TYR B 1022 -6.44 28.56 -3.10
C TYR B 1022 -7.04 29.91 -2.79
N PRO B 1023 -8.35 29.97 -2.54
CA PRO B 1023 -8.94 31.18 -1.94
C PRO B 1023 -8.94 31.08 -0.41
N SER B 1024 -8.20 30.12 0.13
CA SER B 1024 -8.15 29.91 1.57
C SER B 1024 -7.51 31.09 2.29
N GLY B 1042 4.94 27.18 10.21
CA GLY B 1042 5.10 27.99 9.01
C GLY B 1042 5.64 27.21 7.82
N PRO B 1043 5.10 26.01 7.61
CA PRO B 1043 5.56 25.21 6.47
C PRO B 1043 5.21 25.87 5.14
N HIS B 1044 6.06 25.60 4.15
CA HIS B 1044 5.90 26.17 2.82
C HIS B 1044 5.31 25.13 1.86
N MET B 1045 4.95 25.60 0.67
CA MET B 1045 4.30 24.73 -0.30
C MET B 1045 5.33 24.06 -1.21
N LEU B 1046 4.95 22.88 -1.70
CA LEU B 1046 5.80 22.02 -2.54
C LEU B 1046 7.20 21.86 -1.93
N SER B 1047 7.24 21.56 -0.64
CA SER B 1047 8.49 21.29 0.06
C SER B 1047 8.95 19.86 -0.21
N THR B 1048 9.26 19.60 -1.49
CA THR B 1048 9.60 18.26 -1.95
C THR B 1048 11.03 17.91 -1.54
N ALA B 1049 11.25 17.75 -0.22
CA ALA B 1049 12.57 17.46 0.33
C ALA B 1049 12.83 15.95 0.23
N VAL B 1050 12.94 15.48 -1.01
CA VAL B 1050 13.19 14.06 -1.23
C VAL B 1050 14.56 13.67 -0.66
N ARG B 1051 14.71 12.38 -0.38
CA ARG B 1051 15.95 11.83 0.14
C ARG B 1051 16.38 10.67 -0.75
N ILE B 1052 17.69 10.58 -1.00
CA ILE B 1052 18.22 9.52 -1.86
C ILE B 1052 19.41 8.89 -1.14
N HIS B 1053 19.41 7.56 -1.05
CA HIS B 1053 20.49 6.78 -0.46
C HIS B 1053 20.79 5.59 -1.36
N LEU B 1054 20.88 5.84 -2.66
CA LEU B 1054 21.10 4.79 -3.63
C LEU B 1054 22.49 4.19 -3.46
N ASP B 1055 22.66 2.98 -4.00
CA ASP B 1055 23.90 2.24 -3.87
C ASP B 1055 24.50 2.01 -5.25
N PRO B 1056 25.74 2.45 -5.50
CA PRO B 1056 26.36 2.14 -6.80
C PRO B 1056 26.49 0.65 -7.06
N HIS B 1057 26.76 -0.14 -6.02
CA HIS B 1057 26.84 -1.58 -6.20
C HIS B 1057 25.51 -2.17 -6.64
N LYS B 1058 24.41 -1.72 -6.03
CA LYS B 1058 23.09 -2.17 -6.45
C LYS B 1058 22.76 -1.67 -7.84
N ASN B 1059 23.14 -0.42 -8.16
CA ASN B 1059 22.92 0.19 -9.46
C ASN B 1059 21.42 0.23 -9.80
N VAL B 1060 20.63 0.73 -8.85
CA VAL B 1060 19.18 0.82 -8.99
C VAL B 1060 18.75 2.17 -8.43
N LYS B 1061 17.68 2.73 -8.99
CA LYS B 1061 17.19 4.04 -8.60
C LYS B 1061 16.30 3.92 -7.38
N GLU B 1062 16.72 4.55 -6.27
CA GLU B 1062 15.94 4.59 -5.05
C GLU B 1062 15.49 6.02 -4.77
N PHE B 1063 14.27 6.18 -4.28
CA PHE B 1063 13.72 7.49 -3.94
C PHE B 1063 13.02 7.44 -2.59
N LEU B 1064 13.26 8.44 -1.76
CA LEU B 1064 12.56 8.65 -0.50
C LEU B 1064 11.95 10.05 -0.57
N VAL B 1065 10.75 10.14 -1.14
CA VAL B 1065 10.12 11.42 -1.45
C VAL B 1065 9.28 11.82 -0.25
N THR B 1066 9.76 12.80 0.51
CA THR B 1066 8.98 13.37 1.61
C THR B 1066 8.28 14.64 1.13
N LEU B 1067 7.34 14.44 0.21
CA LEU B 1067 6.61 15.55 -0.37
C LEU B 1067 5.68 16.16 0.68
N ARG B 1068 5.46 17.47 0.55
CA ARG B 1068 4.57 18.21 1.46
C ARG B 1068 3.93 19.35 0.68
N LEU B 1069 2.67 19.16 0.29
CA LEU B 1069 1.83 20.23 -0.25
C LEU B 1069 0.96 20.75 0.90
N HIS B 1070 1.36 21.87 1.49
CA HIS B 1070 0.71 22.43 2.66
C HIS B 1070 -0.37 23.42 2.22
N LYS B 1071 -1.61 23.11 2.59
CA LYS B 1071 -2.77 24.00 2.36
C LYS B 1071 -2.93 24.36 0.89
N ALA B 1072 -2.54 23.46 -0.01
CA ALA B 1072 -2.68 23.71 -1.42
C ALA B 1072 -4.03 23.19 -1.93
N THR B 1073 -4.21 23.22 -3.25
CA THR B 1073 -5.36 22.60 -3.90
C THR B 1073 -4.85 22.11 -5.25
N LEU B 1074 -4.36 20.87 -5.26
CA LEU B 1074 -3.60 20.32 -6.39
C LEU B 1074 -4.48 19.59 -7.39
N ARG B 1075 -5.49 20.26 -7.92
CA ARG B 1075 -6.38 19.70 -8.92
C ARG B 1075 -6.13 20.43 -10.23
N HIS B 1076 -6.09 19.68 -11.32
CA HIS B 1076 -5.83 20.25 -12.65
C HIS B 1076 -6.85 19.75 -13.66
N TYR B 1077 -7.89 19.07 -13.18
CA TYR B 1077 -8.91 18.52 -14.07
C TYR B 1077 -9.92 19.61 -14.41
N MET B 1078 -9.62 20.34 -15.49
CA MET B 1078 -10.43 21.52 -15.81
C MET B 1078 -11.78 21.11 -16.41
N ALA B 1079 -11.76 20.45 -17.56
CA ALA B 1079 -12.98 20.10 -18.27
C ALA B 1079 -13.68 18.93 -17.59
N LEU B 1080 -14.78 18.47 -18.19
CA LEU B 1080 -15.46 17.28 -17.66
C LEU B 1080 -14.54 16.08 -17.62
N PRO B 1081 -13.79 15.74 -18.67
CA PRO B 1081 -12.67 14.81 -18.51
C PRO B 1081 -11.46 15.54 -17.96
N GLU B 1082 -10.46 14.75 -17.53
CA GLU B 1082 -9.25 15.33 -16.98
C GLU B 1082 -8.38 15.91 -18.09
N GLN B 1083 -8.79 17.09 -18.57
CA GLN B 1083 -8.18 17.67 -19.76
C GLN B 1083 -6.93 18.48 -19.40
N SER B 1084 -7.07 19.49 -18.54
CA SER B 1084 -5.89 20.21 -18.10
C SER B 1084 -5.02 19.33 -17.20
N TRP B 1085 -5.63 18.34 -16.53
CA TRP B 1085 -4.84 17.32 -15.85
C TRP B 1085 -4.04 16.49 -16.84
N HIS B 1086 -4.63 16.18 -17.99
CA HIS B 1086 -3.90 15.51 -19.07
C HIS B 1086 -2.72 16.36 -19.53
N SER B 1087 -2.95 17.67 -19.64
CA SER B 1087 -1.86 18.57 -20.01
C SER B 1087 -0.75 18.56 -18.97
N GLN B 1088 -1.14 18.57 -17.69
CA GLN B 1088 -0.16 18.55 -16.60
C GLN B 1088 0.65 17.25 -16.61
N LEU B 1089 -0.02 16.12 -16.84
CA LEU B 1089 0.65 14.83 -16.85
C LEU B 1089 1.40 14.55 -18.14
N LEU B 1090 1.18 15.35 -19.18
CA LEU B 1090 1.98 15.27 -20.39
C LEU B 1090 3.17 16.23 -20.34
N GLU B 1091 3.09 17.27 -19.51
CA GLU B 1091 4.22 18.20 -19.39
C GLU B 1091 5.16 17.76 -18.26
N PHE B 1092 4.63 17.62 -17.05
CA PHE B 1092 5.44 17.34 -15.88
C PHE B 1092 6.06 15.95 -15.90
N LEU B 1093 5.38 14.95 -16.47
CA LEU B 1093 5.81 13.56 -16.32
C LEU B 1093 7.04 13.30 -17.19
N ASP B 1094 8.20 13.21 -16.51
CA ASP B 1094 9.43 12.77 -17.13
C ASP B 1094 10.39 12.36 -16.01
N VAL B 1095 10.80 11.10 -15.99
CA VAL B 1095 11.54 10.55 -14.83
C VAL B 1095 13.02 10.62 -15.19
N LEU B 1096 13.62 11.77 -14.91
CA LEU B 1096 15.07 11.97 -14.84
C LEU B 1096 15.81 11.26 -15.98
N ASP B 1097 15.52 11.68 -17.21
CA ASP B 1097 16.22 11.15 -18.37
C ASP B 1097 17.72 11.40 -18.23
N ASP B 1098 18.48 10.32 -18.12
CA ASP B 1098 19.91 10.38 -17.79
C ASP B 1098 20.72 9.54 -18.76
N PRO B 1099 20.84 9.97 -20.02
CA PRO B 1099 21.75 9.30 -20.96
C PRO B 1099 23.20 9.77 -20.89
N VAL B 1100 23.58 10.52 -19.84
CA VAL B 1100 24.93 11.05 -19.77
C VAL B 1100 25.93 9.95 -19.40
N LEU B 1101 27.22 10.26 -19.58
CA LEU B 1101 28.27 9.29 -19.35
C LEU B 1101 28.44 9.02 -17.86
N GLY B 1102 28.76 7.76 -17.54
CA GLY B 1102 28.89 7.34 -16.16
C GLY B 1102 27.59 6.94 -15.50
N TYR B 1103 26.44 7.22 -16.13
CA TYR B 1103 25.12 6.81 -15.64
C TYR B 1103 24.36 6.12 -16.77
N LEU B 1104 24.57 4.83 -16.92
CA LEU B 1104 23.62 4.01 -17.66
C LEU B 1104 22.31 4.01 -16.86
N PRO B 1105 21.16 4.22 -17.51
CA PRO B 1105 19.93 4.56 -16.77
C PRO B 1105 19.57 3.48 -15.77
N PRO B 1106 19.64 3.78 -14.48
CA PRO B 1106 19.20 2.80 -13.48
C PRO B 1106 17.69 2.59 -13.56
N THR B 1107 17.29 1.35 -13.31
CA THR B 1107 15.87 1.01 -13.36
C THR B 1107 15.10 1.81 -12.32
N VAL B 1108 13.99 2.40 -12.75
CA VAL B 1108 13.24 3.33 -11.90
C VAL B 1108 12.40 2.56 -10.89
N ILE B 1109 12.44 3.01 -9.64
CA ILE B 1109 11.62 2.46 -8.56
C ILE B 1109 11.32 3.60 -7.58
N THR B 1110 10.06 3.71 -7.18
CA THR B 1110 9.58 4.83 -6.39
C THR B 1110 8.99 4.34 -5.07
N ILE B 1111 9.32 5.02 -3.98
CA ILE B 1111 8.78 4.71 -2.65
C ILE B 1111 8.35 6.04 -2.04
N LEU B 1112 7.06 6.37 -2.18
CA LEU B 1112 6.56 7.65 -1.71
C LEU B 1112 6.16 7.60 -0.25
N HIS B 1113 6.31 8.74 0.43
CA HIS B 1113 5.84 8.96 1.79
C HIS B 1113 5.13 10.32 1.86
N THR B 1114 4.33 10.61 0.83
CA THR B 1114 3.77 11.95 0.64
C THR B 1114 2.93 12.37 1.83
N HIS B 1115 2.82 13.70 2.05
CA HIS B 1115 1.94 14.29 3.06
C HIS B 1115 1.18 15.48 2.46
N LEU B 1116 -0.02 15.20 1.95
CA LEU B 1116 -0.91 16.26 1.44
C LEU B 1116 -1.69 16.89 2.60
N PHE B 1117 -0.95 17.48 3.54
CA PHE B 1117 -1.57 18.08 4.71
C PHE B 1117 -2.44 19.26 4.29
N SER B 1118 -3.70 19.26 4.76
CA SER B 1118 -4.64 20.37 4.58
C SER B 1118 -4.81 20.79 3.11
N CYS B 1119 -4.69 19.84 2.19
CA CYS B 1119 -4.91 20.12 0.77
C CYS B 1119 -6.42 20.07 0.52
N SER B 1120 -7.08 21.20 0.80
CA SER B 1120 -8.53 21.27 0.66
C SER B 1120 -8.94 21.16 -0.80
N VAL B 1121 -9.99 20.40 -1.04
CA VAL B 1121 -10.51 20.16 -2.38
C VAL B 1121 -11.98 20.57 -2.41
N ASP B 1122 -12.26 21.73 -2.99
CA ASP B 1122 -13.63 22.23 -3.07
C ASP B 1122 -14.02 22.73 -4.46
N TYR B 1123 -13.22 22.49 -5.49
CA TYR B 1123 -13.53 22.96 -6.82
C TYR B 1123 -13.29 21.86 -7.85
N ARG B 1124 -13.60 20.63 -7.49
CA ARG B 1124 -13.47 19.51 -8.41
C ARG B 1124 -14.55 19.61 -9.48
N PRO B 1125 -14.20 19.93 -10.73
CA PRO B 1125 -15.23 20.18 -11.74
C PRO B 1125 -15.82 18.92 -12.36
N LEU B 1126 -17.09 19.01 -12.69
CA LEU B 1126 -17.85 17.95 -13.34
C LEU B 1126 -18.88 18.60 -14.25
N TYR B 1127 -19.83 17.81 -14.74
CA TYR B 1127 -20.86 18.35 -15.63
C TYR B 1127 -21.71 19.40 -14.93
N LEU B 1128 -22.11 19.13 -13.69
CA LEU B 1128 -22.95 20.03 -12.92
C LEU B 1128 -22.84 19.77 -11.42
N PRO B 1129 -21.67 19.99 -10.81
CA PRO B 1129 -21.60 19.96 -9.34
C PRO B 1129 -22.16 21.26 -8.77
N VAL B 1130 -22.42 21.23 -7.46
CA VAL B 1130 -22.97 22.40 -6.76
C VAL B 1130 -21.94 22.80 -5.70
N ARG B 1131 -20.99 23.66 -6.08
CA ARG B 1131 -19.99 24.26 -5.21
C ARG B 1131 -19.56 23.29 -4.11
N VAL B 1132 -19.16 22.09 -4.54
CA VAL B 1132 -18.97 20.96 -3.63
C VAL B 1132 -17.77 21.26 -2.73
N LEU B 1133 -17.93 21.03 -1.43
CA LEU B 1133 -16.90 21.34 -0.45
C LEU B 1133 -16.55 20.07 0.32
N ILE B 1134 -15.30 19.63 0.21
CA ILE B 1134 -14.78 18.50 0.97
C ILE B 1134 -13.52 19.02 1.67
N THR B 1135 -13.58 19.15 2.99
CA THR B 1135 -12.48 19.73 3.76
C THR B 1135 -11.69 18.61 4.41
N ALA B 1136 -10.75 18.04 3.67
CA ALA B 1136 -9.81 17.08 4.24
C ALA B 1136 -8.82 17.82 5.13
N GLU B 1137 -8.34 17.14 6.17
CA GLU B 1137 -7.32 17.71 7.05
C GLU B 1137 -5.93 17.19 6.71
N THR B 1138 -5.80 15.87 6.66
CA THR B 1138 -4.53 15.22 6.33
C THR B 1138 -4.81 14.08 5.36
N PHE B 1139 -4.14 14.10 4.22
CA PHE B 1139 -4.20 13.02 3.25
C PHE B 1139 -2.83 12.37 3.18
N THR B 1140 -2.59 11.44 4.09
CA THR B 1140 -1.27 10.86 4.33
C THR B 1140 -1.10 9.60 3.51
N LEU B 1141 -0.79 9.77 2.21
CA LEU B 1141 -0.55 8.63 1.32
C LEU B 1141 0.84 8.06 1.56
N SER B 1142 1.05 7.57 2.79
CA SER B 1142 2.33 7.01 3.20
C SER B 1142 2.46 5.57 2.67
N SER B 1143 2.74 5.47 1.37
CA SER B 1143 2.93 4.18 0.70
C SER B 1143 4.32 3.66 1.04
N ASN B 1144 4.42 2.99 2.19
CA ASN B 1144 5.71 2.43 2.60
C ASN B 1144 6.18 1.34 1.65
N ILE B 1145 5.27 0.78 0.85
CA ILE B 1145 5.62 -0.25 -0.11
C ILE B 1145 5.84 0.40 -1.48
N ILE B 1146 6.45 -0.34 -2.41
CA ILE B 1146 6.72 0.20 -3.73
C ILE B 1146 5.42 0.28 -4.52
N MET B 1147 5.12 1.47 -5.06
CA MET B 1147 3.89 1.66 -5.81
C MET B 1147 3.97 0.99 -7.17
N ASP B 1148 5.10 1.12 -7.86
CA ASP B 1148 5.25 0.60 -9.22
C ASP B 1148 5.56 -0.89 -9.15
N THR B 1149 4.54 -1.66 -8.79
CA THR B 1149 4.64 -3.11 -8.69
C THR B 1149 3.22 -3.67 -8.59
N SER B 1150 3.13 -5.00 -8.52
CA SER B 1150 1.83 -5.65 -8.36
C SER B 1150 1.20 -5.28 -7.02
N THR B 1151 2.01 -5.26 -5.96
CA THR B 1151 1.52 -4.99 -4.61
C THR B 1151 1.85 -3.55 -4.24
N PHE B 1152 0.96 -2.93 -3.44
CA PHE B 1152 1.15 -1.56 -2.98
C PHE B 1152 0.39 -1.37 -1.68
N LEU B 1153 1.12 -1.39 -0.56
CA LEU B 1153 0.52 -1.07 0.74
C LEU B 1153 0.46 0.44 0.90
N LEU B 1154 -0.76 0.97 1.11
CA LEU B 1154 -0.99 2.42 1.18
C LEU B 1154 -1.79 2.71 2.45
N ARG B 1155 -1.11 3.17 3.49
CA ARG B 1155 -1.77 3.51 4.75
C ARG B 1155 -2.27 4.96 4.70
N PHE B 1156 -3.52 5.11 4.24
CA PHE B 1156 -4.23 6.38 4.29
C PHE B 1156 -4.71 6.69 5.70
N ILE B 1157 -3.81 7.06 6.61
CA ILE B 1157 -4.21 7.42 7.96
C ILE B 1157 -4.67 8.88 7.98
N LEU B 1158 -5.96 9.09 7.70
CA LEU B 1158 -6.54 10.42 7.76
C LEU B 1158 -6.83 10.80 9.20
N ASP B 1159 -7.00 12.11 9.43
CA ASP B 1159 -7.31 12.65 10.76
C ASP B 1159 -8.53 13.56 10.66
N ASP B 1160 -9.71 13.03 11.00
CA ASP B 1160 -10.91 13.83 11.26
C ASP B 1160 -11.30 14.69 10.05
N SER B 1161 -11.67 14.04 8.96
CA SER B 1161 -12.14 14.78 7.80
C SER B 1161 -13.58 15.23 8.01
N ALA B 1162 -14.16 15.83 6.97
CA ALA B 1162 -15.52 16.35 7.02
C ALA B 1162 -16.01 16.61 5.61
N LEU B 1163 -17.24 17.11 5.50
CA LEU B 1163 -17.86 17.41 4.22
C LEU B 1163 -18.97 18.43 4.41
N TYR B 1164 -19.13 19.32 3.43
CA TYR B 1164 -20.13 20.38 3.48
C TYR B 1164 -20.70 20.60 2.09
N LEU B 1165 -22.02 20.77 2.00
CA LEU B 1165 -22.73 20.82 0.73
C LEU B 1165 -23.34 22.19 0.51
N SER B 1166 -23.34 22.64 -0.75
CA SER B 1166 -23.78 23.98 -1.13
C SER B 1166 -25.30 24.01 -1.31
N ASP B 1167 -25.80 25.07 -1.95
CA ASP B 1167 -27.23 25.38 -1.93
C ASP B 1167 -28.07 24.49 -2.84
N LYS B 1168 -27.81 24.48 -4.14
CA LYS B 1168 -28.73 23.86 -5.08
C LYS B 1168 -27.95 23.19 -6.19
N CYS B 1169 -28.47 22.04 -6.64
CA CYS B 1169 -27.70 21.15 -7.52
C CYS B 1169 -27.27 21.85 -8.80
N GLU B 1170 -28.18 22.61 -9.42
CA GLU B 1170 -27.78 23.44 -10.55
C GLU B 1170 -26.60 24.31 -10.16
N VAL B 1171 -25.62 24.38 -11.07
CA VAL B 1171 -24.24 24.73 -10.72
C VAL B 1171 -24.17 25.96 -9.82
N GLU B 1172 -25.05 26.93 -10.04
CA GLU B 1172 -25.02 28.17 -9.25
C GLU B 1172 -25.64 27.88 -7.89
N THR B 1173 -24.86 28.15 -6.84
CA THR B 1173 -25.27 27.92 -5.47
C THR B 1173 -24.68 28.98 -4.55
N LEU B 1174 -25.56 29.68 -3.84
CA LEU B 1174 -25.17 30.69 -2.87
C LEU B 1174 -25.90 30.43 -1.56
N ASP B 1175 -25.26 30.80 -0.46
CA ASP B 1175 -25.85 30.66 0.86
C ASP B 1175 -25.07 31.54 1.83
N LEU B 1176 -25.60 31.67 3.05
CA LEU B 1176 -24.95 32.52 4.05
C LEU B 1176 -23.58 31.97 4.42
N ARG B 1177 -23.48 30.66 4.62
CA ARG B 1177 -22.21 29.98 4.91
C ARG B 1177 -21.92 29.01 3.78
N ARG B 1178 -20.88 29.30 3.00
CA ARG B 1178 -20.45 28.35 1.98
C ARG B 1178 -19.70 27.19 2.60
N ASP B 1179 -19.11 27.38 3.78
CA ASP B 1179 -18.73 26.28 4.65
C ASP B 1179 -19.98 25.84 5.41
N TYR B 1180 -20.86 25.16 4.68
CA TYR B 1180 -22.24 24.95 5.08
C TYR B 1180 -22.32 23.84 6.13
N VAL B 1181 -23.55 23.34 6.35
CA VAL B 1181 -23.76 22.33 7.37
C VAL B 1181 -23.03 21.03 7.00
N CYS B 1182 -22.67 20.27 8.03
CA CYS B 1182 -22.00 18.99 7.83
C CYS B 1182 -22.98 17.96 7.29
N VAL B 1183 -22.48 17.05 6.46
CA VAL B 1183 -23.30 16.02 5.85
C VAL B 1183 -22.75 14.64 6.21
N LEU B 1184 -21.47 14.42 5.94
CA LEU B 1184 -20.84 13.11 6.15
C LEU B 1184 -19.39 13.33 6.56
N ASP B 1185 -19.14 13.34 7.87
CA ASP B 1185 -17.80 13.50 8.41
C ASP B 1185 -17.25 12.15 8.86
N VAL B 1186 -15.93 12.02 8.88
CA VAL B 1186 -15.26 10.79 9.27
C VAL B 1186 -14.28 11.10 10.39
N ASP B 1187 -14.35 10.32 11.48
CA ASP B 1187 -13.41 10.50 12.57
C ASP B 1187 -12.02 10.05 12.17
N LEU B 1188 -11.91 8.89 11.50
CA LEU B 1188 -10.66 8.39 10.96
C LEU B 1188 -10.99 7.29 9.96
N LEU B 1189 -10.20 7.20 8.91
CA LEU B 1189 -10.40 6.17 7.90
C LEU B 1189 -9.05 5.60 7.48
N GLU B 1190 -8.62 4.56 8.17
CA GLU B 1190 -7.33 3.92 7.90
C GLU B 1190 -7.50 2.90 6.78
N LEU B 1191 -7.76 3.40 5.56
CA LEU B 1191 -7.91 2.52 4.40
C LEU B 1191 -6.52 2.01 4.01
N VAL B 1192 -6.07 0.98 4.71
CA VAL B 1192 -4.77 0.38 4.42
C VAL B 1192 -4.94 -0.64 3.29
N ILE B 1193 -5.00 -0.14 2.05
CA ILE B 1193 -5.18 -1.03 0.92
C ILE B 1193 -3.87 -1.74 0.62
N LYS B 1194 -3.97 -3.02 0.25
CA LYS B 1194 -2.87 -3.78 -0.31
C LYS B 1194 -3.37 -4.32 -1.64
N THR B 1195 -3.31 -3.47 -2.68
CA THR B 1195 -3.75 -3.85 -4.01
C THR B 1195 -2.72 -4.79 -4.62
N TRP B 1196 -3.16 -6.01 -4.93
CA TRP B 1196 -2.31 -7.01 -5.58
C TRP B 1196 -2.68 -7.07 -7.05
N LYS B 1197 -2.08 -6.19 -7.85
CA LYS B 1197 -2.36 -6.13 -9.27
C LYS B 1197 -1.33 -6.92 -10.07
N LYS B 1203 -3.09 -8.81 3.21
CA LYS B 1203 -3.76 -9.77 4.08
C LYS B 1203 -3.74 -11.16 3.48
N LEU B 1204 -2.78 -11.41 2.59
CA LEU B 1204 -2.57 -12.70 1.94
C LEU B 1204 -3.75 -13.11 1.07
N SER B 1205 -4.60 -12.15 0.68
CA SER B 1205 -5.76 -12.43 -0.18
C SER B 1205 -5.31 -12.39 -1.63
N GLN B 1206 -5.15 -13.58 -2.21
CA GLN B 1206 -4.65 -13.78 -3.57
C GLN B 1206 -5.49 -13.03 -4.60
N PRO B 1207 -6.79 -12.79 -4.33
CA PRO B 1207 -7.63 -12.12 -5.33
C PRO B 1207 -7.12 -10.74 -5.74
N LEU B 1208 -7.16 -10.46 -7.03
CA LEU B 1208 -6.60 -9.21 -7.54
C LEU B 1208 -7.38 -8.01 -7.02
N PHE B 1209 -6.64 -6.94 -6.72
CA PHE B 1209 -7.21 -5.68 -6.26
C PHE B 1209 -8.02 -5.85 -4.98
N GLU B 1210 -7.40 -6.46 -3.97
CA GLU B 1210 -8.03 -6.62 -2.66
C GLU B 1210 -8.04 -5.27 -1.94
N LEU B 1211 -9.03 -4.45 -2.28
CA LEU B 1211 -9.19 -3.14 -1.64
C LEU B 1211 -9.76 -3.31 -0.24
N ARG B 1212 -8.92 -3.84 0.66
CA ARG B 1212 -9.34 -4.02 2.03
C ARG B 1212 -9.36 -2.66 2.75
N CYS B 1213 -10.40 -1.89 2.47
CA CYS B 1213 -10.61 -0.59 3.11
C CYS B 1213 -11.11 -0.84 4.52
N SER B 1214 -10.18 -1.11 5.44
CA SER B 1214 -10.55 -1.37 6.83
C SER B 1214 -10.90 -0.06 7.55
N ASN B 1215 -11.92 0.60 7.01
CA ASN B 1215 -12.40 1.87 7.54
C ASN B 1215 -12.75 1.75 9.01
N ASN B 1216 -12.56 2.84 9.75
CA ASN B 1216 -12.82 2.82 11.19
C ASN B 1216 -14.30 3.03 11.49
N VAL B 1217 -14.85 4.18 11.08
CA VAL B 1217 -16.25 4.52 11.35
C VAL B 1217 -16.70 5.67 10.45
N VAL B 1218 -18.02 5.82 10.26
CA VAL B 1218 -18.59 6.90 9.46
C VAL B 1218 -19.75 7.57 10.20
N HIS B 1219 -19.48 8.68 10.89
CA HIS B 1219 -20.58 9.46 11.46
C HIS B 1219 -21.34 10.17 10.35
N VAL B 1220 -22.65 10.29 10.52
CA VAL B 1220 -23.50 11.02 9.58
C VAL B 1220 -24.55 11.79 10.36
N HIS B 1221 -24.68 13.08 10.09
CA HIS B 1221 -25.73 13.92 10.64
C HIS B 1221 -26.46 14.60 9.50
N SER B 1222 -27.77 14.79 9.66
CA SER B 1222 -28.55 15.28 8.53
C SER B 1222 -29.90 15.82 9.00
N CYS B 1223 -30.53 16.57 8.10
CA CYS B 1223 -31.94 16.92 8.17
C CYS B 1223 -32.59 16.45 6.87
N ALA B 1224 -33.92 16.34 6.83
CA ALA B 1224 -34.59 15.78 5.66
C ALA B 1224 -34.16 16.51 4.39
N ASP B 1225 -34.14 17.85 4.44
CA ASP B 1225 -33.68 18.62 3.29
C ASP B 1225 -32.22 18.32 2.96
N SER B 1226 -31.37 18.22 4.00
CA SER B 1226 -29.94 18.03 3.77
C SER B 1226 -29.66 16.70 3.05
N CYS B 1227 -30.21 15.60 3.58
CA CYS B 1227 -29.96 14.31 2.95
C CYS B 1227 -30.69 14.19 1.62
N ALA B 1228 -31.88 14.78 1.49
CA ALA B 1228 -32.53 14.78 0.19
C ALA B 1228 -31.68 15.48 -0.86
N LEU B 1229 -31.15 16.66 -0.52
CA LEU B 1229 -30.28 17.39 -1.44
C LEU B 1229 -29.01 16.60 -1.73
N LEU B 1230 -28.45 15.93 -0.72
CA LEU B 1230 -27.26 15.11 -0.94
C LEU B 1230 -27.55 13.97 -1.91
N VAL B 1231 -28.72 13.34 -1.79
CA VAL B 1231 -29.09 12.27 -2.69
C VAL B 1231 -29.27 12.81 -4.11
N ASN B 1232 -29.88 13.99 -4.24
CA ASN B 1232 -29.94 14.63 -5.56
C ASN B 1232 -28.55 14.93 -6.10
N LEU B 1233 -27.62 15.33 -5.24
CA LEU B 1233 -26.27 15.62 -5.66
C LEU B 1233 -25.60 14.36 -6.21
N LEU B 1234 -25.73 13.25 -5.48
CA LEU B 1234 -25.17 11.98 -5.94
C LEU B 1234 -25.85 11.50 -7.21
N GLN B 1235 -27.15 11.75 -7.36
CA GLN B 1235 -27.87 11.32 -8.56
C GLN B 1235 -27.42 12.13 -9.78
N TYR B 1236 -27.36 13.44 -9.65
CA TYR B 1236 -27.06 14.30 -10.80
C TYR B 1236 -25.58 14.26 -11.16
N VAL B 1237 -24.71 14.27 -10.16
CA VAL B 1237 -23.28 14.30 -10.40
C VAL B 1237 -22.78 12.94 -10.87
N SER B 1416 -12.04 -10.09 -6.69
CA SER B 1416 -12.15 -8.66 -6.40
C SER B 1416 -12.68 -8.43 -4.99
N THR B 1417 -11.99 -9.02 -4.01
CA THR B 1417 -12.43 -8.92 -2.62
C THR B 1417 -12.34 -7.47 -2.15
N ARG B 1418 -13.40 -7.03 -1.47
CA ARG B 1418 -13.51 -5.68 -0.90
C ARG B 1418 -13.92 -5.76 0.56
N VAL B 1419 -13.19 -6.56 1.33
CA VAL B 1419 -13.60 -6.89 2.70
C VAL B 1419 -13.36 -5.70 3.62
N VAL B 1420 -14.41 -4.93 3.87
CA VAL B 1420 -14.26 -3.72 4.67
C VAL B 1420 -14.13 -4.06 6.14
N LEU B 1421 -15.11 -4.80 6.68
CA LEU B 1421 -15.34 -4.87 8.12
C LEU B 1421 -15.40 -3.46 8.69
N ARG B 1422 -16.18 -2.61 8.04
CA ARG B 1422 -16.22 -1.19 8.31
C ARG B 1422 -17.57 -0.83 8.93
N GLU B 1423 -17.54 -0.21 10.10
CA GLU B 1423 -18.75 0.32 10.73
C GLU B 1423 -19.45 1.24 9.74
N VAL B 1424 -20.76 1.03 9.54
CA VAL B 1424 -21.44 1.69 8.42
C VAL B 1424 -21.86 3.10 8.82
N SER B 1425 -22.49 3.25 9.98
CA SER B 1425 -22.93 4.57 10.41
C SER B 1425 -23.26 4.63 11.89
N LEU B 1426 -22.62 5.54 12.60
CA LEU B 1426 -23.12 6.01 13.90
C LEU B 1426 -23.99 7.25 13.69
N VAL B 1427 -24.98 7.09 12.82
CA VAL B 1427 -25.72 8.20 12.22
C VAL B 1427 -26.62 8.85 13.27
N TRP B 1428 -26.29 10.08 13.66
CA TRP B 1428 -27.13 10.92 14.49
C TRP B 1428 -28.31 11.52 13.73
N HIS B 1429 -28.47 11.20 12.44
CA HIS B 1429 -29.48 11.80 11.60
C HIS B 1429 -30.90 11.51 12.07
N HIS B 1479 -35.65 20.20 10.75
CA HIS B 1479 -34.51 19.35 11.08
C HIS B 1479 -34.90 18.31 12.12
N VAL B 1480 -34.22 17.17 12.12
CA VAL B 1480 -34.53 16.06 13.00
C VAL B 1480 -33.25 15.52 13.62
N LEU B 1481 -33.40 14.83 14.74
CA LEU B 1481 -32.32 14.09 15.37
C LEU B 1481 -32.83 12.68 15.69
N MET B 1482 -32.19 11.68 15.09
CA MET B 1482 -32.62 10.29 15.28
C MET B 1482 -31.39 9.40 15.11
N GLU B 1483 -30.81 8.96 16.23
CA GLU B 1483 -29.63 8.11 16.18
C GLU B 1483 -29.95 6.79 15.50
N ILE B 1484 -29.03 6.32 14.65
CA ILE B 1484 -29.08 5.00 14.06
C ILE B 1484 -27.66 4.46 14.04
N GLN B 1485 -27.51 3.18 14.36
CA GLN B 1485 -26.20 2.55 14.40
C GLN B 1485 -26.18 1.33 13.49
N LEU B 1486 -25.00 1.07 12.93
CA LEU B 1486 -24.74 -0.15 12.16
C LEU B 1486 -23.27 -0.47 12.37
N SER B 1487 -23.00 -1.36 13.32
CA SER B 1487 -21.64 -1.65 13.76
C SER B 1487 -21.10 -2.89 13.05
N LYS B 1488 -19.90 -2.75 12.51
CA LYS B 1488 -19.16 -3.87 11.91
C LYS B 1488 -19.92 -4.51 10.76
N VAL B 1489 -20.37 -3.69 9.80
CA VAL B 1489 -21.12 -4.21 8.67
C VAL B 1489 -20.12 -4.71 7.64
N SER B 1490 -19.70 -5.97 7.78
CA SER B 1490 -18.62 -6.53 6.96
C SER B 1490 -19.16 -6.88 5.58
N PHE B 1491 -19.48 -5.83 4.83
CA PHE B 1491 -19.93 -5.99 3.45
C PHE B 1491 -18.76 -6.35 2.54
N GLN B 1492 -18.20 -7.54 2.70
CA GLN B 1492 -17.11 -8.01 1.86
C GLN B 1492 -17.61 -8.44 0.50
N HIS B 1493 -18.04 -7.48 -0.33
CA HIS B 1493 -18.60 -7.81 -1.63
C HIS B 1493 -17.58 -8.56 -2.48
N GLU B 1494 -18.07 -9.55 -3.23
CA GLU B 1494 -17.24 -10.35 -4.13
C GLU B 1494 -16.10 -11.07 -3.41
N VAL B 1495 -16.25 -11.27 -2.10
CA VAL B 1495 -15.23 -11.97 -1.34
C VAL B 1495 -15.02 -13.38 -1.89
N TYR B 1496 -16.09 -14.10 -2.14
CA TYR B 1496 -16.01 -15.47 -2.64
C TYR B 1496 -16.56 -15.58 -4.05
N ARG B 1514 -22.58 -18.28 -2.32
CA ARG B 1514 -21.51 -17.33 -2.07
C ARG B 1514 -20.50 -17.33 -3.21
N PRO B 1515 -20.68 -18.22 -4.18
CA PRO B 1515 -19.68 -18.36 -5.24
C PRO B 1515 -19.42 -17.09 -6.03
N LEU B 1516 -20.46 -16.30 -6.31
CA LEU B 1516 -20.30 -15.09 -7.12
C LEU B 1516 -20.90 -13.92 -6.35
N SER B 1517 -20.05 -13.00 -5.91
CA SER B 1517 -20.48 -11.82 -5.16
C SER B 1517 -21.35 -12.21 -3.96
N ARG B 1518 -20.72 -12.90 -3.01
CA ARG B 1518 -21.42 -13.24 -1.77
C ARG B 1518 -21.98 -11.99 -1.12
N GLN B 1519 -21.21 -10.90 -1.14
CA GLN B 1519 -21.68 -9.55 -0.82
C GLN B 1519 -22.43 -9.53 0.51
N VAL B 1520 -21.97 -10.38 1.43
CA VAL B 1520 -22.71 -10.62 2.66
C VAL B 1520 -22.78 -9.34 3.48
N PHE B 1521 -24.00 -8.85 3.69
CA PHE B 1521 -24.19 -7.77 4.64
C PHE B 1521 -23.59 -8.14 5.99
N ILE B 1522 -23.77 -9.39 6.42
CA ILE B 1522 -23.12 -9.96 7.59
C ILE B 1522 -23.18 -9.00 8.77
N VAL B 1523 -24.27 -8.23 8.86
CA VAL B 1523 -24.28 -7.08 9.76
C VAL B 1523 -24.18 -7.58 11.19
N GLN B 1524 -23.03 -7.33 11.82
CA GLN B 1524 -22.80 -7.82 13.18
C GLN B 1524 -23.77 -7.18 14.16
N GLU B 1525 -24.20 -5.95 13.85
CA GLU B 1525 -25.25 -5.28 14.60
C GLU B 1525 -25.92 -4.25 13.68
N LEU B 1526 -27.23 -4.35 13.54
CA LEU B 1526 -28.02 -3.45 12.71
C LEU B 1526 -29.05 -2.68 13.51
N GLU B 1527 -28.83 -2.54 14.82
CA GLU B 1527 -29.76 -1.82 15.67
C GLU B 1527 -30.10 -0.46 15.08
N VAL B 1528 -31.36 -0.28 14.71
CA VAL B 1528 -31.87 1.01 14.28
C VAL B 1528 -32.16 1.78 15.56
N ARG B 1529 -31.19 2.59 15.97
CA ARG B 1529 -31.22 3.17 17.31
C ARG B 1529 -32.46 4.03 17.54
N ASP B 1530 -32.86 4.81 16.53
CA ASP B 1530 -34.01 5.68 16.70
C ASP B 1530 -34.56 6.10 15.34
N ARG B 1531 -35.79 6.59 15.39
CA ARG B 1531 -36.42 7.24 14.24
C ARG B 1531 -37.37 8.30 14.78
N LEU B 1532 -38.19 8.84 13.89
CA LEU B 1532 -39.22 9.83 14.24
C LEU B 1532 -38.53 11.06 14.82
N ALA B 1533 -39.05 11.67 15.89
CA ALA B 1533 -38.39 12.84 16.48
C ALA B 1533 -37.44 12.43 17.59
N SER B 1534 -37.46 11.17 18.00
CA SER B 1534 -36.67 10.67 19.11
C SER B 1534 -35.23 10.50 18.66
N SER B 1535 -34.30 11.13 19.38
CA SER B 1535 -32.88 10.90 19.12
C SER B 1535 -32.30 9.84 20.05
N GLN B 1536 -32.96 9.56 21.17
CA GLN B 1536 -32.47 8.56 22.10
C GLN B 1536 -32.61 7.17 21.51
N ILE B 1537 -31.67 6.28 21.86
CA ILE B 1537 -31.66 4.96 21.27
C ILE B 1537 -32.79 4.11 21.85
N ASN B 1538 -33.61 3.56 20.95
CA ASN B 1538 -34.67 2.62 21.29
C ASN B 1538 -34.68 1.54 20.21
N LYS B 1539 -34.71 0.28 20.63
CA LYS B 1539 -34.31 -0.79 19.74
C LYS B 1539 -35.33 -1.01 18.63
N PHE B 1540 -35.12 -0.36 17.49
CA PHE B 1540 -35.75 -0.74 16.24
C PHE B 1540 -34.80 -1.65 15.49
N LEU B 1541 -35.37 -2.60 14.73
CA LEU B 1541 -34.55 -3.41 13.84
C LEU B 1541 -35.11 -3.24 12.43
N TYR B 1542 -34.58 -4.04 11.50
CA TYR B 1542 -34.92 -3.92 10.08
C TYR B 1542 -36.42 -4.03 9.82
N SER B 1555 -22.05 -9.95 17.11
CA SER B 1555 -22.86 -10.62 18.11
C SER B 1555 -24.25 -10.93 17.55
N ASN B 1556 -24.98 -9.89 17.16
CA ASN B 1556 -26.30 -10.09 16.54
C ASN B 1556 -26.18 -10.88 15.25
N MET B 1557 -25.15 -10.56 14.44
CA MET B 1557 -24.90 -11.25 13.18
C MET B 1557 -26.09 -11.19 12.23
N LEU B 1558 -26.73 -10.02 12.16
CA LEU B 1558 -27.94 -9.84 11.38
C LEU B 1558 -27.58 -9.78 9.90
N THR B 1559 -27.38 -10.94 9.28
CA THR B 1559 -27.05 -11.03 7.86
C THR B 1559 -28.33 -10.88 7.03
N ILE B 1560 -28.92 -9.69 7.14
CA ILE B 1560 -30.17 -9.41 6.43
C ILE B 1560 -29.99 -9.64 4.95
N LYS B 1561 -28.81 -9.36 4.41
CA LYS B 1561 -28.56 -9.44 2.99
C LYS B 1561 -27.46 -10.43 2.62
N ALA B 1562 -27.16 -11.42 3.47
CA ALA B 1562 -26.28 -12.50 3.08
C ALA B 1562 -26.75 -13.09 1.75
N LEU B 1563 -25.92 -12.96 0.72
CA LEU B 1563 -26.36 -13.24 -0.64
C LEU B 1563 -25.61 -14.42 -1.23
N HIS B 1564 -26.01 -14.77 -2.45
CA HIS B 1564 -25.39 -15.81 -3.27
C HIS B 1564 -25.98 -15.68 -4.67
N VAL B 1565 -25.59 -16.57 -5.56
CA VAL B 1565 -26.23 -16.64 -6.87
C VAL B 1565 -26.55 -18.08 -7.21
N CYS B 1576 -30.31 -13.58 -3.89
CA CYS B 1576 -30.75 -14.96 -4.08
C CYS B 1576 -30.88 -15.67 -2.72
N CYS B 1577 -30.76 -14.89 -1.64
CA CYS B 1577 -30.88 -15.40 -0.29
C CYS B 1577 -31.02 -14.22 0.65
N LEU B 1578 -31.34 -14.52 1.91
CA LEU B 1578 -31.49 -13.52 2.96
C LEU B 1578 -31.56 -14.26 4.30
N ARG B 1579 -31.65 -13.48 5.39
CA ARG B 1579 -31.68 -14.06 6.71
C ARG B 1579 -32.12 -13.05 7.77
N VAL B 1580 -32.04 -13.44 9.04
CA VAL B 1580 -32.43 -12.59 10.15
C VAL B 1580 -31.83 -13.19 11.41
N SER B 1581 -31.66 -12.36 12.44
CA SER B 1581 -30.81 -12.70 13.58
C SER B 1581 -31.58 -13.22 14.79
N LEU B 1582 -32.90 -13.32 14.71
CA LEU B 1582 -33.72 -13.85 15.80
C LEU B 1582 -33.43 -13.14 17.13
N MET B 1583 -33.36 -11.81 17.08
CA MET B 1583 -33.12 -11.06 18.31
C MET B 1583 -34.32 -11.21 19.24
N PRO B 1584 -34.11 -11.09 20.56
CA PRO B 1584 -35.24 -11.29 21.49
C PRO B 1584 -36.38 -10.31 21.30
N LEU B 1585 -36.08 -9.07 20.92
CA LEU B 1585 -37.09 -8.06 20.63
C LEU B 1585 -36.60 -7.22 19.45
N ARG B 1586 -37.44 -7.07 18.43
CA ARG B 1586 -37.02 -6.43 17.20
C ARG B 1586 -37.71 -5.09 16.99
N LEU B 1587 -39.04 -5.04 16.98
CA LEU B 1587 -39.78 -3.85 16.59
C LEU B 1587 -40.48 -3.28 17.81
N ASN B 1588 -39.86 -2.30 18.46
CA ASN B 1588 -40.44 -1.56 19.57
C ASN B 1588 -40.76 -0.16 19.06
N VAL B 1589 -41.95 -0.01 18.47
CA VAL B 1589 -42.36 1.23 17.81
C VAL B 1589 -43.43 1.89 18.67
N ASP B 1590 -42.99 2.76 19.59
CA ASP B 1590 -43.90 3.60 20.36
C ASP B 1590 -43.36 5.01 20.56
N GLN B 1591 -42.39 5.43 19.74
CA GLN B 1591 -41.67 6.68 19.95
C GLN B 1591 -42.12 7.72 18.93
N ASP B 1592 -42.62 8.86 19.42
CA ASP B 1592 -43.06 9.99 18.61
C ASP B 1592 -44.06 9.47 17.58
N ALA B 1593 -43.80 9.59 16.28
CA ALA B 1593 -44.70 9.09 15.25
C ALA B 1593 -43.96 8.05 14.42
N LEU B 1594 -44.46 6.82 14.41
CA LEU B 1594 -43.88 5.80 13.55
C LEU B 1594 -44.01 6.19 12.08
N PHE B 1595 -44.95 7.08 11.78
CA PHE B 1595 -45.07 7.62 10.43
C PHE B 1595 -44.28 8.91 10.26
N PHE B 1596 -43.53 9.33 11.29
CA PHE B 1596 -42.65 10.48 11.11
C PHE B 1596 -41.55 10.17 10.10
N LEU B 1597 -41.10 8.92 10.05
CA LEU B 1597 -40.19 8.52 8.98
C LEU B 1597 -40.93 8.46 7.65
N LYS B 1598 -42.24 8.24 7.67
CA LYS B 1598 -43.03 8.32 6.45
C LYS B 1598 -43.06 9.74 5.90
N ASP B 1599 -43.25 10.73 6.79
CA ASP B 1599 -43.19 12.12 6.33
C ASP B 1599 -41.75 12.52 5.99
N PHE B 1600 -40.78 11.87 6.62
CA PHE B 1600 -39.40 12.03 6.19
C PHE B 1600 -39.21 11.54 4.75
N PHE B 1601 -39.82 10.41 4.41
CA PHE B 1601 -39.77 9.93 3.03
C PHE B 1601 -40.53 10.86 2.09
N THR B 1602 -41.62 11.45 2.56
CA THR B 1602 -42.34 12.44 1.75
C THR B 1602 -41.48 13.67 1.48
N SER B 1603 -40.80 14.17 2.51
CA SER B 1603 -39.88 15.28 2.33
C SER B 1603 -38.69 14.87 1.47
N LEU B 1604 -38.34 13.58 1.48
CA LEU B 1604 -37.28 13.09 0.62
C LEU B 1604 -37.68 13.15 -0.83
N VAL B 1605 -38.86 12.59 -1.17
CA VAL B 1605 -39.34 12.68 -2.54
C VAL B 1605 -39.61 14.12 -2.94
N ALA B 1606 -39.87 15.00 -1.97
CA ALA B 1606 -39.94 16.43 -2.27
C ALA B 1606 -38.58 17.03 -2.54
N GLY B 1607 -37.54 16.52 -1.87
CA GLY B 1607 -36.18 16.96 -2.11
C GLY B 1607 -35.56 16.15 -3.24
N ILE B 1608 -35.58 14.83 -3.12
CA ILE B 1608 -35.16 13.96 -4.20
C ILE B 1608 -36.32 13.86 -5.17
N ASN B 1609 -36.33 14.77 -6.16
CA ASN B 1609 -37.46 14.86 -7.08
C ASN B 1609 -37.72 13.54 -7.79
N PRO B 1610 -36.72 12.87 -8.37
CA PRO B 1610 -36.95 11.54 -8.92
C PRO B 1610 -36.82 10.45 -7.86
N VAL B 1611 -37.91 9.74 -7.58
CA VAL B 1611 -37.90 8.62 -6.64
C VAL B 1611 -38.57 7.45 -7.36
N VAL B 1612 -37.78 6.63 -8.04
CA VAL B 1612 -38.32 5.54 -8.86
C VAL B 1612 -38.79 4.38 -7.98
N PRO B 1613 -37.95 3.81 -7.08
CA PRO B 1613 -38.45 2.64 -6.34
C PRO B 1613 -39.34 3.03 -5.17
N GLY B 1614 -40.56 3.48 -5.49
CA GLY B 1614 -41.51 3.90 -4.49
C GLY B 1614 -42.41 2.78 -3.99
N ARG B 1665 -30.30 -19.01 -5.05
CA ARG B 1665 -31.44 -19.85 -5.41
C ARG B 1665 -32.75 -19.22 -4.95
N GLU B 1666 -33.65 -20.05 -4.43
CA GLU B 1666 -34.89 -19.57 -3.84
C GLU B 1666 -34.56 -18.69 -2.64
N PHE B 1667 -35.33 -17.60 -2.49
CA PHE B 1667 -34.97 -16.57 -1.51
C PHE B 1667 -34.79 -17.14 -0.10
N ARG B 1668 -35.79 -17.85 0.40
CA ARG B 1668 -35.86 -18.17 1.83
C ARG B 1668 -35.66 -16.91 2.66
N PHE B 1669 -36.28 -15.82 2.22
CA PHE B 1669 -36.08 -14.50 2.82
C PHE B 1669 -36.86 -14.39 4.14
N THR B 1670 -36.43 -15.20 5.10
CA THR B 1670 -37.08 -15.26 6.40
C THR B 1670 -36.97 -13.92 7.13
N SER B 1671 -37.95 -13.68 7.99
CA SER B 1671 -37.84 -12.67 9.04
C SER B 1671 -37.31 -13.26 10.34
N GLU B 1672 -37.36 -14.58 10.47
CA GLU B 1672 -36.59 -15.39 11.42
C GLU B 1672 -36.41 -14.76 12.79
N VAL B 1673 -37.43 -14.10 13.31
CA VAL B 1673 -37.36 -13.57 14.67
C VAL B 1673 -38.73 -13.66 15.32
N PRO B 1674 -38.85 -14.26 16.50
CA PRO B 1674 -40.14 -14.26 17.21
C PRO B 1674 -40.48 -12.86 17.68
N ILE B 1675 -40.95 -12.03 16.74
CA ILE B 1675 -40.99 -10.59 16.94
C ILE B 1675 -41.72 -10.24 18.23
N TRP B 1676 -41.06 -9.45 19.07
CA TRP B 1676 -41.67 -8.89 20.28
C TRP B 1676 -42.10 -7.47 19.94
N LEU B 1677 -43.18 -7.37 19.17
CA LEU B 1677 -43.73 -6.07 18.79
C LEU B 1677 -44.26 -5.34 20.03
N ASP B 1678 -43.85 -4.09 20.19
CA ASP B 1678 -44.23 -3.27 21.34
C ASP B 1678 -43.86 -3.96 22.66
N THR B 1691 -53.10 0.09 7.79
CA THR B 1691 -51.71 0.51 7.83
C THR B 1691 -50.92 -0.31 8.84
N PHE B 1692 -49.77 -0.84 8.41
CA PHE B 1692 -48.91 -1.59 9.32
C PHE B 1692 -48.40 -0.69 10.44
N ALA B 1693 -47.98 0.52 10.09
CA ALA B 1693 -47.54 1.47 11.11
C ALA B 1693 -48.68 1.85 12.04
N GLY B 1694 -49.88 2.03 11.48
CA GLY B 1694 -51.04 2.34 12.32
C GLY B 1694 -51.35 1.24 13.31
N LEU B 1695 -51.31 -0.01 12.85
CA LEU B 1695 -51.56 -1.14 13.76
C LEU B 1695 -50.45 -1.27 14.79
N LEU B 1696 -49.20 -1.02 14.41
CA LEU B 1696 -48.12 -1.04 15.37
C LEU B 1696 -48.30 0.03 16.44
N ILE B 1697 -48.72 1.23 16.03
CA ILE B 1697 -48.97 2.30 17.00
C ILE B 1697 -50.13 1.94 17.91
N GLY B 1698 -51.21 1.38 17.35
CA GLY B 1698 -52.35 1.00 18.15
C GLY B 1698 -52.01 -0.09 19.17
N LEU B 1699 -51.22 -1.08 18.76
CA LEU B 1699 -50.83 -2.14 19.67
C LEU B 1699 -49.79 -1.68 20.68
N ALA B 1700 -49.16 -0.53 20.47
CA ALA B 1700 -48.16 -0.01 21.39
C ALA B 1700 -48.70 1.20 22.15
N SER B 1705 -44.16 -12.24 20.16
CA SER B 1705 -45.02 -11.41 20.99
C SER B 1705 -45.69 -10.33 20.17
N GLU B 1706 -46.99 -10.47 19.96
CA GLU B 1706 -47.87 -9.64 19.14
C GLU B 1706 -47.67 -9.92 17.65
N LEU B 1707 -46.73 -10.79 17.28
CA LEU B 1707 -46.50 -11.16 15.89
C LEU B 1707 -45.68 -12.45 15.84
N LYS B 1708 -45.32 -12.89 14.64
CA LYS B 1708 -44.52 -14.09 14.49
C LYS B 1708 -43.63 -13.94 13.26
N LEU B 1709 -42.56 -14.73 13.24
CA LEU B 1709 -41.63 -14.69 12.12
C LEU B 1709 -42.23 -15.43 10.91
N LYS B 1710 -42.01 -14.87 9.73
CA LYS B 1710 -42.65 -15.38 8.52
C LYS B 1710 -42.14 -16.76 8.12
N ARG B 1711 -40.84 -17.03 8.29
CA ARG B 1711 -40.25 -18.30 7.89
C ARG B 1711 -40.55 -18.63 6.44
N LEU B 1712 -40.31 -17.67 5.54
CA LEU B 1712 -40.66 -17.85 4.14
C LEU B 1712 -39.69 -18.78 3.43
N CYS B 1713 -39.66 -20.05 3.85
CA CYS B 1713 -38.74 -21.00 3.23
C CYS B 1713 -39.07 -21.19 1.76
N CYS B 1714 -38.10 -20.88 0.90
CA CYS B 1714 -38.20 -21.03 -0.54
C CYS B 1714 -39.48 -20.40 -1.09
N ARG B 1715 -39.94 -19.34 -0.43
CA ARG B 1715 -41.14 -18.66 -0.87
C ARG B 1715 -40.94 -18.00 -2.24
N HIS B 1716 -39.82 -17.27 -2.39
CA HIS B 1716 -39.51 -16.53 -3.62
C HIS B 1716 -40.60 -15.51 -3.94
N GLY B 1717 -41.31 -15.05 -2.91
CA GLY B 1717 -42.38 -14.08 -3.12
C GLY B 1717 -41.87 -12.76 -3.65
N LEU B 1718 -40.63 -12.41 -3.33
CA LEU B 1718 -40.02 -11.18 -3.80
C LEU B 1718 -39.41 -11.39 -5.17
N LEU B 1719 -39.36 -10.31 -5.95
CA LEU B 1719 -38.72 -10.28 -7.25
C LEU B 1719 -37.96 -8.98 -7.45
N GLY B 1720 -37.50 -8.37 -6.35
CA GLY B 1720 -36.91 -7.05 -6.37
C GLY B 1720 -37.91 -5.92 -6.38
N VAL B 1721 -39.11 -6.15 -6.89
CA VAL B 1721 -40.19 -5.16 -6.83
C VAL B 1721 -41.40 -5.84 -6.20
N ASP B 1722 -41.34 -7.16 -6.09
CA ASP B 1722 -42.40 -7.97 -5.51
C ASP B 1722 -42.14 -8.34 -4.07
N LYS B 1723 -41.22 -7.65 -3.39
CA LYS B 1723 -41.00 -7.89 -1.96
C LYS B 1723 -42.28 -7.65 -1.17
N VAL B 1724 -42.99 -6.57 -1.49
CA VAL B 1724 -44.28 -6.30 -0.84
C VAL B 1724 -45.26 -7.43 -1.17
N LEU B 1725 -45.22 -7.95 -2.39
CA LEU B 1725 -46.09 -9.06 -2.76
C LEU B 1725 -45.81 -10.29 -1.91
N GLY B 1726 -44.53 -10.58 -1.67
CA GLY B 1726 -44.18 -11.73 -0.85
C GLY B 1726 -44.50 -11.51 0.61
N TYR B 1727 -44.46 -10.25 1.05
CA TYR B 1727 -44.85 -9.89 2.42
C TYR B 1727 -46.35 -10.03 2.59
N ALA B 1728 -47.10 -9.81 1.51
CA ALA B 1728 -48.55 -9.88 1.53
C ALA B 1728 -49.08 -11.30 1.40
N LEU B 1729 -48.20 -12.30 1.28
CA LEU B 1729 -48.63 -13.68 1.19
C LEU B 1729 -49.37 -14.11 2.45
N ASN B 1730 -50.54 -14.71 2.27
CA ASN B 1730 -51.38 -15.18 3.38
C ASN B 1730 -51.69 -14.06 4.36
N GLU B 1731 -51.84 -14.41 5.64
CA GLU B 1731 -52.12 -13.43 6.67
C GLU B 1731 -51.61 -13.97 8.00
N TRP B 1732 -51.33 -13.05 8.93
CA TRP B 1732 -50.82 -13.43 10.24
C TRP B 1732 -51.17 -12.36 11.26
N LEU B 1733 -51.40 -12.80 12.50
CA LEU B 1733 -51.67 -11.93 13.63
C LEU B 1733 -51.48 -12.74 14.90
N GLN B 1734 -51.11 -12.04 15.98
CA GLN B 1734 -50.86 -12.69 17.26
C GLN B 1734 -51.11 -11.68 18.38
N ASP B 1735 -51.48 -12.20 19.54
CA ASP B 1735 -51.78 -11.39 20.72
C ASP B 1735 -52.76 -10.26 20.42
#